data_7SVR
#
_entry.id   7SVR
#
_cell.length_a   1.00
_cell.length_b   1.00
_cell.length_c   1.00
_cell.angle_alpha   90.00
_cell.angle_beta   90.00
_cell.angle_gamma   90.00
#
_symmetry.space_group_name_H-M   'P 1'
#
loop_
_entity.id
_entity.type
_entity.pdbx_description
1 polymer 'Cystic fibrosis transmembrane conductance regulator'
2 polymer 'Cystic fibrosis transmembrane conductance regulator'
3 non-polymer Lumacaftor
#
loop_
_entity_poly.entity_id
_entity_poly.type
_entity_poly.pdbx_seq_one_letter_code
_entity_poly.pdbx_strand_id
1 'polypeptide(L)'
;MQRSPLEKASVVSKLFFSWTRPILRKGYRQRLELSDIYQIPSVDSADNLSEKLEREWDRELASKKNPKLINALRRCFFWR
FMFYGIFLYLGEVTKAVQPLLLGRIIASYDPDNKEERSIAIYLGIGLCLLFIVRTLLLHPAIFGLHHIGMQMRIAMFSLI
YKKTLKLSSRVLDKISIGQLVSLLSNNLNKFDEGLALAHFVWIAPLQVALLMGLIWELLQASAFCGLGFLIVLALFQAGL
GRMMMKYRDQRAGKISERLVITSEMIENIQSVKAYCWEEAMEKMIENLRQTELKLTRKAAYVRYFNSSAFFFSGFFVVFL
SVLPYALIKGIILRKIFTTISFCIVLRMAVTRQFPWAVQTWYDSLGAINKIQDFLQKQEYKTLEYNLTTTEVVMENVTAF
WEEGFGELFEKAKQNNNNRKTSNGDDSLFFSNFSLLGTPVLKDINFKIERGQLLAVAGSTGAGKTSLLMVIMGELEPSEG
KIKHSGRISFCSQFSWIMPGTIKENIIFGVSYDEYRYRSVIKACQLEEDISKFAEKDNIVLGEGGITLSGGQRARISLAR
AVYKDADLYLLDSPFGYLDVLTEKEIFESCVCKLMANKTRILVTSKMEHLKKADKILILHEGSSYFYGTFSELQNLQPDF
SSKLMGCDSFDQFSAERRNSILTETLHRFSLEGDAPVSWTETKKQSFKQTGEFGEKRKNSILNPINSIRKFSIVQKTPLQ
MNGIEEDSDEPLERRLSLVPDSEQGEAILPRISVISTGPTLQARRRQSVLNLMTHSVNQGQNIHRKTTASTRKVSLAPQA
NLTELDIYSRRLSQETGLEISEEINEEDLKECFFDDMESIPAVTTWNTYLRYITVHKSLIFVLIWCLVIFLAEVAASLVV
LWLLGNTPLQDKGNSTHSRNNSYAVIITSTSSYYVFYIYVGVADTLLAMGFFRGLPLVHTLITVSKILHHKMLHSVLQAP
MSTLNTLKAGGILNRFSKDIAILDDLLPLTIFDFIQLLLIVIGAIAVVAVLQPYIFVATVPVIVAFIMLRAYFLQTSQQL
KQLESEGRSPIFTHLVTSLKGLWTLRAFGRQPYFETLFHKALNLHTANWFLYLSTLRWFQMRIEMIFVIFFIAVTFISIL
TTGEGEGRVGIILTLAMNIMSTLQWAVNSSIDVDSLMRSVSRVFKFIDMPTEGKPTKSTKPYKNGQLSKVMIIENSHVKK
DDIWPSGGQMTVKDLTAKYTEGGNAILENISFSISPGQRVGLLGRTGSGKSTLLSAFLRLLNTEGEIQIDGVSWDSITLQ
QWRKAFGVIPQKVFIFSGTFRKNLDPYEQWSDQEIWKVADEVGLRSVIEQFPGKLDFVLVDGGCVLSHGHKQLMCLARSV
LSKAKILLLDEPSAHLDPVTYQIIRRTLKQAFADCTVILCEHRIEAMLECQQFLVIEENKVRQYDSIQKLLNERSLFRQA
ISPSDRVKLFPHRNSSKCKSKPQIAALKEETEEEVQDTRL
;
A
2 'polypeptide(L)'
;(UNK)(UNK)(UNK)(UNK)(UNK)(UNK)(UNK)(UNK)(UNK)(UNK)(UNK)(UNK)(UNK)(UNK)(UNK)(UNK)
(UNK)(UNK)(UNK)
;
B
#
# COMPACT_ATOMS: atom_id res chain seq x y z
N ARG A 3 26.09 4.69 23.98
CA ARG A 3 25.36 5.50 23.01
C ARG A 3 23.87 5.19 23.06
N SER A 4 23.54 3.90 23.12
CA SER A 4 22.15 3.48 23.22
C SER A 4 21.61 3.82 24.61
N PRO A 5 20.31 3.64 24.83
CA PRO A 5 19.79 3.71 26.21
C PRO A 5 19.87 2.39 26.94
N LEU A 6 20.22 1.30 26.26
CA LEU A 6 20.26 -0.02 26.86
C LEU A 6 21.64 -0.41 27.36
N GLU A 7 22.71 0.24 26.89
CA GLU A 7 24.03 -0.12 27.36
C GLU A 7 24.29 0.43 28.76
N LYS A 8 23.49 1.41 29.20
CA LYS A 8 23.52 1.89 30.58
C LYS A 8 22.16 1.64 31.20
N ALA A 9 22.06 0.57 31.99
CA ALA A 9 20.82 0.20 32.67
C ALA A 9 21.11 -0.91 33.65
N SER A 10 20.43 -0.87 34.79
CA SER A 10 20.51 -1.94 35.77
C SER A 10 19.76 -3.17 35.25
N VAL A 11 20.01 -4.31 35.91
CA VAL A 11 19.36 -5.54 35.49
C VAL A 11 17.86 -5.47 35.77
N VAL A 12 17.49 -4.92 36.93
CA VAL A 12 16.07 -4.71 37.22
C VAL A 12 15.43 -3.80 36.18
N SER A 13 16.14 -2.73 35.80
CA SER A 13 15.60 -1.82 34.79
C SER A 13 15.50 -2.49 33.43
N LYS A 14 16.46 -3.33 33.07
CA LYS A 14 16.36 -4.09 31.83
C LYS A 14 15.26 -5.14 31.92
N LEU A 15 14.84 -5.48 33.14
CA LEU A 15 13.90 -6.58 33.32
C LEU A 15 12.45 -6.08 33.29
N PHE A 16 12.14 -5.09 34.12
CA PHE A 16 10.79 -4.52 34.13
C PHE A 16 10.61 -3.40 33.13
N PHE A 17 11.47 -3.32 32.12
CA PHE A 17 11.43 -2.27 31.10
C PHE A 17 11.25 -0.89 31.73
N SER A 18 12.19 -0.55 32.60
CA SER A 18 12.25 0.78 33.18
C SER A 18 12.89 1.81 32.26
N TRP A 19 13.82 1.41 31.40
CA TRP A 19 14.55 2.39 30.60
C TRP A 19 13.66 3.07 29.57
N THR A 20 12.50 2.49 29.25
CA THR A 20 11.54 3.13 28.36
C THR A 20 10.73 4.22 29.05
N ARG A 21 11.00 4.48 30.32
CA ARG A 21 10.24 5.50 31.04
C ARG A 21 10.35 6.89 30.43
N PRO A 22 11.54 7.45 30.15
CA PRO A 22 11.59 8.86 29.74
C PRO A 22 10.75 9.21 28.52
N ILE A 23 10.70 8.35 27.50
CA ILE A 23 9.83 8.66 26.36
C ILE A 23 8.38 8.65 26.79
N LEU A 24 7.97 7.67 27.61
CA LEU A 24 6.62 7.70 28.16
C LEU A 24 6.42 8.92 29.05
N ARG A 25 7.45 9.25 29.85
CA ARG A 25 7.44 10.50 30.60
C ARG A 25 7.30 11.70 29.67
N LYS A 26 7.67 11.54 28.40
CA LYS A 26 7.61 12.59 27.39
C LYS A 26 6.41 12.43 26.47
N GLY A 27 6.18 11.22 25.96
CA GLY A 27 5.13 10.99 25.00
C GLY A 27 3.73 11.18 25.50
N TYR A 28 3.56 11.42 26.80
CA TYR A 28 2.24 11.75 27.34
C TYR A 28 1.93 13.22 27.14
N ARG A 29 2.76 14.10 27.68
CA ARG A 29 2.43 15.52 27.74
C ARG A 29 2.53 16.19 26.37
N GLN A 30 3.57 15.90 25.61
CA GLN A 30 3.83 16.61 24.37
C GLN A 30 4.00 15.66 23.19
N ARG A 31 3.95 16.24 22.00
CA ARG A 31 4.23 15.51 20.77
C ARG A 31 5.69 15.06 20.74
N LEU A 32 5.94 13.95 20.04
CA LEU A 32 7.29 13.45 19.83
C LEU A 32 7.90 14.06 18.59
N GLU A 33 9.15 14.50 18.71
CA GLU A 33 9.93 14.87 17.55
C GLU A 33 10.74 13.67 17.07
N LEU A 34 10.72 13.44 15.76
CA LEU A 34 11.34 12.26 15.17
C LEU A 34 12.73 12.00 15.74
N SER A 35 13.49 13.05 16.02
CA SER A 35 14.85 12.87 16.54
C SER A 35 14.87 12.52 18.03
N ASP A 36 13.70 12.36 18.66
CA ASP A 36 13.68 11.92 20.05
C ASP A 36 13.84 10.41 20.16
N ILE A 37 13.90 9.70 19.04
CA ILE A 37 13.98 8.24 19.07
C ILE A 37 15.41 7.84 19.43
N TYR A 38 15.56 7.07 20.50
CA TYR A 38 16.88 6.66 20.97
C TYR A 38 17.59 5.85 19.91
N GLN A 39 18.91 5.79 20.02
CA GLN A 39 19.72 5.07 19.05
C GLN A 39 19.51 3.58 19.19
N ILE A 40 19.93 2.83 18.17
CA ILE A 40 19.77 1.37 18.13
C ILE A 40 20.86 0.76 18.99
N PRO A 41 20.59 -0.30 19.75
CA PRO A 41 21.67 -1.04 20.39
C PRO A 41 22.66 -1.54 19.35
N SER A 42 23.95 -1.51 19.71
CA SER A 42 25.02 -1.75 18.73
C SER A 42 24.84 -3.07 18.00
N VAL A 43 24.41 -4.12 18.69
CA VAL A 43 24.34 -5.45 18.08
C VAL A 43 23.23 -5.56 17.05
N ASP A 44 22.30 -4.60 17.01
CA ASP A 44 21.22 -4.65 16.03
C ASP A 44 21.50 -3.79 14.81
N SER A 45 22.69 -3.21 14.72
CA SER A 45 23.07 -2.46 13.52
C SER A 45 23.13 -3.41 12.32
N ALA A 46 22.40 -3.06 11.26
CA ALA A 46 22.32 -3.92 10.08
C ALA A 46 23.69 -4.38 9.61
N ASP A 47 24.64 -3.45 9.48
CA ASP A 47 25.96 -3.82 9.00
C ASP A 47 26.64 -4.84 9.91
N ASN A 48 26.21 -4.93 11.17
CA ASN A 48 26.77 -5.90 12.09
C ASN A 48 26.06 -7.25 12.04
N LEU A 49 25.00 -7.38 11.25
CA LEU A 49 24.25 -8.63 11.13
C LEU A 49 24.25 -9.20 9.72
N SER A 50 24.20 -8.35 8.71
CA SER A 50 24.19 -8.83 7.33
C SER A 50 25.46 -9.60 7.01
N GLU A 51 26.60 -9.09 7.43
CA GLU A 51 27.86 -9.78 7.18
C GLU A 51 27.92 -11.12 7.92
N LYS A 52 27.40 -11.17 9.16
CA LYS A 52 27.36 -12.42 9.89
C LYS A 52 26.48 -13.44 9.18
N LEU A 53 25.27 -13.04 8.78
CA LEU A 53 24.39 -13.97 8.08
C LEU A 53 24.96 -14.40 6.74
N GLU A 54 25.62 -13.48 6.03
CA GLU A 54 26.22 -13.84 4.75
C GLU A 54 27.35 -14.84 4.92
N ARG A 55 28.15 -14.69 5.97
CA ARG A 55 29.23 -15.63 6.22
C ARG A 55 28.67 -17.04 6.36
N GLU A 56 27.63 -17.22 7.17
CA GLU A 56 27.06 -18.55 7.33
C GLU A 56 26.33 -19.02 6.07
N TRP A 57 25.66 -18.12 5.34
CA TRP A 57 25.00 -18.50 4.11
C TRP A 57 25.98 -19.06 3.09
N ASP A 58 26.99 -18.27 2.71
CA ASP A 58 27.94 -18.79 1.73
C ASP A 58 28.78 -19.92 2.31
N ARG A 59 28.89 -20.03 3.64
CA ARG A 59 29.47 -21.23 4.21
C ARG A 59 28.61 -22.45 3.89
N GLU A 60 27.29 -22.31 4.01
CA GLU A 60 26.39 -23.41 3.64
C GLU A 60 26.48 -23.71 2.16
N LEU A 61 26.66 -22.67 1.33
CA LEU A 61 26.85 -22.87 -0.10
C LEU A 61 28.13 -23.64 -0.42
N ALA A 62 29.25 -23.31 0.23
CA ALA A 62 30.53 -23.89 -0.08
C ALA A 62 30.86 -25.13 0.74
N SER A 63 29.98 -25.54 1.65
CA SER A 63 30.20 -26.77 2.41
C SER A 63 29.46 -27.96 1.84
N LYS A 64 28.29 -27.75 1.26
CA LYS A 64 27.54 -28.83 0.61
C LYS A 64 26.76 -28.26 -0.56
N LYS A 65 26.12 -29.16 -1.30
CA LYS A 65 25.32 -28.79 -2.47
C LYS A 65 23.82 -28.94 -2.22
N ASN A 66 23.39 -28.85 -0.97
CA ASN A 66 21.97 -28.81 -0.59
C ASN A 66 21.78 -27.62 0.33
N PRO A 67 21.84 -26.40 -0.22
CA PRO A 67 21.93 -25.18 0.61
C PRO A 67 20.64 -24.84 1.34
N LYS A 68 20.39 -25.56 2.43
CA LYS A 68 19.26 -25.25 3.31
C LYS A 68 19.61 -24.01 4.12
N LEU A 69 19.17 -22.84 3.63
CA LEU A 69 19.40 -21.59 4.34
C LEU A 69 18.98 -21.68 5.80
N ILE A 70 17.85 -22.35 6.07
CA ILE A 70 17.39 -22.52 7.44
C ILE A 70 18.46 -23.19 8.29
N ASN A 71 19.25 -24.09 7.70
CA ASN A 71 20.32 -24.72 8.46
C ASN A 71 21.59 -23.90 8.43
N ALA A 72 21.56 -22.73 7.80
CA ALA A 72 22.60 -21.73 8.05
C ALA A 72 22.14 -20.74 9.10
N LEU A 73 20.83 -20.60 9.26
CA LEU A 73 20.30 -19.83 10.39
C LEU A 73 20.43 -20.59 11.70
N ARG A 74 20.31 -21.93 11.65
CA ARG A 74 20.32 -22.71 12.89
C ARG A 74 21.63 -22.56 13.66
N ARG A 75 22.63 -21.91 13.09
CA ARG A 75 23.85 -21.65 13.83
C ARG A 75 24.08 -20.16 14.08
N CYS A 76 23.14 -19.31 13.66
CA CYS A 76 23.23 -17.89 13.98
C CYS A 76 22.48 -17.55 15.25
N PHE A 77 21.16 -17.78 15.24
CA PHE A 77 20.27 -17.32 16.30
C PHE A 77 19.75 -18.45 17.19
N PHE A 78 19.73 -19.68 16.69
CA PHE A 78 19.07 -20.80 17.35
C PHE A 78 19.33 -20.88 18.85
N TRP A 79 20.55 -20.58 19.28
CA TRP A 79 20.90 -20.86 20.67
C TRP A 79 20.19 -19.91 21.63
N ARG A 80 20.18 -18.61 21.31
CA ARG A 80 19.34 -17.70 22.09
C ARG A 80 17.87 -18.07 21.98
N PHE A 81 17.49 -18.70 20.87
CA PHE A 81 16.12 -19.15 20.71
C PHE A 81 15.78 -20.21 21.76
N MET A 82 16.68 -21.17 21.97
CA MET A 82 16.49 -22.12 23.08
C MET A 82 16.53 -21.42 24.43
N PHE A 83 17.44 -20.45 24.58
CA PHE A 83 17.59 -19.75 25.86
C PHE A 83 16.32 -19.01 26.24
N TYR A 84 15.47 -18.70 25.25
CA TYR A 84 14.17 -18.13 25.56
C TYR A 84 13.05 -19.19 25.56
N GLY A 85 13.22 -20.27 24.80
CA GLY A 85 12.21 -21.31 24.78
C GLY A 85 12.07 -22.02 26.12
N ILE A 86 13.18 -22.29 26.78
CA ILE A 86 13.11 -22.96 28.08
C ILE A 86 12.41 -22.06 29.11
N PHE A 87 12.66 -20.75 29.06
CA PHE A 87 11.96 -19.82 29.94
C PHE A 87 10.47 -19.83 29.67
N LEU A 88 10.08 -19.80 28.40
CA LEU A 88 8.66 -19.85 28.07
C LEU A 88 8.02 -21.15 28.56
N TYR A 89 8.72 -22.27 28.39
CA TYR A 89 8.23 -23.56 28.86
C TYR A 89 7.95 -23.52 30.35
N LEU A 90 8.89 -22.99 31.13
CA LEU A 90 8.65 -22.88 32.57
C LEU A 90 7.47 -21.96 32.86
N GLY A 91 7.37 -20.84 32.14
CA GLY A 91 6.25 -19.94 32.34
C GLY A 91 4.90 -20.58 32.09
N GLU A 92 4.83 -21.55 31.18
CA GLU A 92 3.58 -22.26 30.94
C GLU A 92 3.35 -23.43 31.89
N VAL A 93 4.41 -24.13 32.30
CA VAL A 93 4.22 -25.18 33.29
C VAL A 93 3.72 -24.59 34.60
N THR A 94 4.15 -23.38 34.95
CA THR A 94 3.59 -22.73 36.13
C THR A 94 2.08 -22.55 35.99
N LYS A 95 1.63 -22.09 34.81
CA LYS A 95 0.20 -21.92 34.57
C LYS A 95 -0.54 -23.25 34.69
N ALA A 96 0.07 -24.33 34.19
CA ALA A 96 -0.60 -25.62 34.24
C ALA A 96 -0.69 -26.16 35.66
N VAL A 97 0.37 -25.97 36.47
CA VAL A 97 0.41 -26.61 37.79
C VAL A 97 -0.19 -25.79 38.91
N GLN A 98 -0.43 -24.50 38.72
CA GLN A 98 -1.02 -23.71 39.80
C GLN A 98 -2.38 -24.22 40.31
N PRO A 99 -3.32 -24.67 39.48
CA PRO A 99 -4.61 -25.12 40.03
C PRO A 99 -4.50 -26.29 40.99
N LEU A 100 -3.41 -27.07 40.94
CA LEU A 100 -3.21 -28.09 41.96
C LEU A 100 -3.03 -27.46 43.33
N LEU A 101 -2.18 -26.43 43.44
CA LEU A 101 -2.09 -25.67 44.68
C LEU A 101 -3.33 -24.84 44.95
N LEU A 102 -4.23 -24.73 43.97
CA LEU A 102 -5.56 -24.22 44.29
C LEU A 102 -6.39 -25.28 45.00
N GLY A 103 -6.35 -26.52 44.52
CA GLY A 103 -7.27 -27.54 44.99
C GLY A 103 -6.91 -28.15 46.33
N ARG A 104 -6.27 -27.37 47.19
CA ARG A 104 -5.94 -27.86 48.53
C ARG A 104 -6.55 -26.94 49.56
N ILE A 105 -6.84 -25.69 49.17
CA ILE A 105 -7.38 -24.71 50.13
C ILE A 105 -8.90 -24.68 50.14
N ILE A 106 -9.56 -25.47 49.29
CA ILE A 106 -11.00 -25.68 49.44
C ILE A 106 -11.28 -26.53 50.69
N ALA A 107 -10.25 -27.20 51.22
CA ALA A 107 -10.42 -28.05 52.40
C ALA A 107 -11.18 -27.34 53.51
N SER A 108 -10.83 -26.08 53.80
CA SER A 108 -11.53 -25.31 54.82
C SER A 108 -12.89 -24.84 54.32
N SER A 118 -5.88 -21.62 58.51
CA SER A 118 -4.91 -22.44 59.21
C SER A 118 -3.78 -22.88 58.28
N ILE A 119 -4.03 -23.94 57.51
CA ILE A 119 -3.04 -24.47 56.58
C ILE A 119 -3.31 -24.04 55.15
N ALA A 120 -4.08 -22.97 54.94
CA ALA A 120 -4.40 -22.54 53.58
C ALA A 120 -3.69 -21.23 53.23
N ILE A 121 -3.45 -20.36 54.22
CA ILE A 121 -2.81 -19.08 53.96
C ILE A 121 -1.45 -19.27 53.30
N TYR A 122 -0.66 -20.22 53.80
CA TYR A 122 0.66 -20.48 53.23
C TYR A 122 0.56 -20.81 51.75
N LEU A 123 -0.44 -21.59 51.36
CA LEU A 123 -0.65 -21.90 49.95
C LEU A 123 -1.10 -20.67 49.17
N GLY A 124 -1.85 -19.75 49.80
CA GLY A 124 -2.17 -18.51 49.13
C GLY A 124 -0.94 -17.67 48.84
N ILE A 125 -0.02 -17.60 49.81
CA ILE A 125 1.25 -16.91 49.57
C ILE A 125 2.02 -17.58 48.45
N GLY A 126 2.10 -18.91 48.48
CA GLY A 126 2.78 -19.62 47.41
C GLY A 126 2.15 -19.36 46.05
N LEU A 127 0.83 -19.21 46.00
CA LEU A 127 0.15 -19.02 44.73
C LEU A 127 0.35 -17.61 44.20
N CYS A 128 0.35 -16.62 45.10
CA CYS A 128 0.75 -15.27 44.69
C CYS A 128 2.16 -15.27 44.13
N LEU A 129 3.09 -15.95 44.79
CA LEU A 129 4.43 -16.11 44.23
C LEU A 129 4.41 -16.84 42.89
N LEU A 130 3.47 -17.76 42.69
CA LEU A 130 3.33 -18.41 41.39
C LEU A 130 2.98 -17.38 40.31
N PHE A 131 2.04 -16.49 40.63
CA PHE A 131 1.71 -15.42 39.68
C PHE A 131 2.92 -14.55 39.39
N ILE A 132 3.72 -14.25 40.43
CA ILE A 132 4.90 -13.42 40.22
C ILE A 132 5.91 -14.14 39.35
N VAL A 133 6.09 -15.45 39.57
CA VAL A 133 7.00 -16.23 38.74
C VAL A 133 6.54 -16.21 37.28
N ARG A 134 5.24 -16.34 37.05
CA ARG A 134 4.77 -16.33 35.68
C ARG A 134 5.00 -14.97 35.03
N THR A 135 4.73 -13.90 35.77
CA THR A 135 4.82 -12.56 35.21
C THR A 135 6.27 -12.11 35.10
N LEU A 136 7.21 -12.84 35.70
CA LEU A 136 8.62 -12.59 35.45
C LEU A 136 9.19 -13.43 34.32
N LEU A 137 8.82 -14.70 34.23
CA LEU A 137 9.39 -15.56 33.20
C LEU A 137 8.70 -15.43 31.85
N LEU A 138 7.52 -14.83 31.75
CA LEU A 138 6.91 -14.71 30.42
C LEU A 138 7.44 -13.51 29.65
N HIS A 139 7.18 -12.32 30.16
CA HIS A 139 7.29 -11.12 29.33
C HIS A 139 8.70 -10.87 28.82
N PRO A 140 9.75 -10.87 29.64
CA PRO A 140 11.11 -10.69 29.08
C PRO A 140 11.48 -11.74 28.04
N ALA A 141 11.06 -12.99 28.24
CA ALA A 141 11.37 -14.03 27.26
C ALA A 141 10.68 -13.75 25.93
N ILE A 142 9.40 -13.36 25.97
CA ILE A 142 8.69 -13.04 24.75
C ILE A 142 9.34 -11.85 24.05
N PHE A 143 9.75 -10.84 24.82
CA PHE A 143 10.40 -9.68 24.21
C PHE A 143 11.70 -10.08 23.52
N GLY A 144 12.54 -10.86 24.20
CA GLY A 144 13.75 -11.34 23.57
C GLY A 144 13.47 -12.14 22.30
N LEU A 145 12.40 -12.93 22.31
CA LEU A 145 12.03 -13.67 21.12
C LEU A 145 11.66 -12.74 19.97
N HIS A 146 10.85 -11.73 20.24
CA HIS A 146 10.54 -10.74 19.22
C HIS A 146 11.81 -10.04 18.73
N HIS A 147 12.77 -9.85 19.63
CA HIS A 147 14.05 -9.26 19.26
C HIS A 147 14.80 -10.13 18.27
N ILE A 148 14.81 -11.44 18.50
CA ILE A 148 15.43 -12.36 17.54
C ILE A 148 14.70 -12.30 16.21
N GLY A 149 13.37 -12.18 16.24
CA GLY A 149 12.62 -12.02 15.01
C GLY A 149 13.04 -10.79 14.22
N MET A 150 13.20 -9.67 14.92
CA MET A 150 13.62 -8.43 14.25
C MET A 150 15.01 -8.58 13.66
N GLN A 151 15.92 -9.23 14.40
CA GLN A 151 17.26 -9.46 13.85
C GLN A 151 17.19 -10.29 12.58
N MET A 152 16.36 -11.35 12.60
CA MET A 152 16.19 -12.16 11.38
C MET A 152 15.72 -11.30 10.22
N ARG A 153 14.68 -10.50 10.44
CA ARG A 153 14.11 -9.74 9.33
C ARG A 153 15.13 -8.76 8.76
N ILE A 154 15.85 -8.06 9.64
CA ILE A 154 16.82 -7.07 9.15
C ILE A 154 17.95 -7.74 8.38
N ALA A 155 18.50 -8.83 8.92
CA ALA A 155 19.60 -9.50 8.22
C ALA A 155 19.14 -10.02 6.87
N MET A 156 17.93 -10.59 6.80
CA MET A 156 17.46 -11.15 5.55
C MET A 156 17.19 -10.05 4.53
N PHE A 157 16.64 -8.90 4.96
CA PHE A 157 16.43 -7.82 4.02
C PHE A 157 17.76 -7.26 3.51
N SER A 158 18.76 -7.18 4.37
CA SER A 158 20.05 -6.67 3.92
C SER A 158 20.68 -7.61 2.90
N LEU A 159 20.62 -8.92 3.14
CA LEU A 159 21.15 -9.86 2.16
C LEU A 159 20.38 -9.79 0.84
N ILE A 160 19.05 -9.70 0.92
CA ILE A 160 18.26 -9.63 -0.30
C ILE A 160 18.63 -8.40 -1.12
N TYR A 161 18.70 -7.24 -0.46
CA TYR A 161 19.09 -6.03 -1.18
C TYR A 161 20.47 -6.18 -1.80
N LYS A 162 21.47 -6.52 -0.99
CA LYS A 162 22.83 -6.65 -1.51
C LYS A 162 22.88 -7.61 -2.69
N LYS A 163 22.04 -8.65 -2.68
CA LYS A 163 21.98 -9.55 -3.81
C LYS A 163 21.33 -8.89 -5.02
N THR A 164 20.32 -8.04 -4.79
CA THR A 164 19.57 -7.45 -5.90
C THR A 164 20.48 -6.75 -6.90
N LEU A 165 21.62 -6.22 -6.46
CA LEU A 165 22.56 -5.56 -7.35
C LEU A 165 23.61 -6.52 -7.90
N LYS A 166 23.29 -7.80 -8.00
CA LYS A 166 24.21 -8.79 -8.57
C LYS A 166 23.56 -9.62 -9.66
N LEU A 167 22.30 -9.36 -10.00
CA LEU A 167 21.61 -10.17 -10.99
C LEU A 167 22.03 -9.75 -12.40
N SER A 168 22.20 -10.74 -13.28
CA SER A 168 22.39 -10.46 -14.69
C SER A 168 21.15 -9.80 -15.27
N SER A 169 21.33 -9.11 -16.39
CA SER A 169 20.18 -8.43 -17.01
C SER A 169 19.28 -9.42 -17.75
N ARG A 170 19.82 -10.58 -18.14
CA ARG A 170 19.03 -11.55 -18.88
C ARG A 170 17.86 -12.06 -18.05
N VAL A 171 18.01 -12.12 -16.73
CA VAL A 171 16.91 -12.54 -15.87
C VAL A 171 16.20 -11.37 -15.20
N LEU A 172 16.83 -10.21 -15.10
CA LEU A 172 16.23 -9.11 -14.35
C LEU A 172 15.10 -8.45 -15.13
N ASP A 173 15.28 -8.23 -16.43
CA ASP A 173 14.24 -7.63 -17.25
C ASP A 173 13.11 -8.62 -17.51
N LYS A 174 13.18 -9.78 -16.86
CA LYS A 174 12.18 -10.82 -17.04
C LYS A 174 11.46 -11.10 -15.72
N ILE A 175 11.94 -10.50 -14.64
CA ILE A 175 11.21 -10.58 -13.37
C ILE A 175 10.04 -9.62 -13.41
N SER A 176 8.97 -9.96 -12.71
CA SER A 176 7.80 -9.10 -12.69
C SER A 176 8.03 -7.95 -11.71
N ILE A 177 7.68 -6.74 -12.17
CA ILE A 177 8.02 -5.53 -11.43
C ILE A 177 7.42 -5.55 -10.02
N GLY A 178 6.24 -6.14 -9.87
CA GLY A 178 5.62 -6.22 -8.55
C GLY A 178 6.15 -7.33 -7.67
N GLN A 179 6.90 -8.27 -8.25
CA GLN A 179 7.38 -9.40 -7.46
C GLN A 179 8.28 -8.95 -6.33
N LEU A 180 9.19 -8.02 -6.61
CA LEU A 180 10.14 -7.59 -5.58
C LEU A 180 9.43 -6.88 -4.42
N VAL A 181 8.52 -5.95 -4.74
CA VAL A 181 7.85 -5.22 -3.68
C VAL A 181 6.95 -6.16 -2.88
N SER A 182 6.22 -7.06 -3.53
CA SER A 182 5.38 -7.99 -2.79
C SER A 182 6.23 -8.92 -1.93
N LEU A 183 7.33 -9.44 -2.48
CA LEU A 183 8.20 -10.35 -1.74
C LEU A 183 8.73 -9.68 -0.49
N LEU A 184 9.32 -8.49 -0.62
CA LEU A 184 9.85 -7.80 0.55
C LEU A 184 8.75 -7.45 1.54
N SER A 185 7.68 -6.80 1.08
CA SER A 185 6.69 -6.27 2.00
C SER A 185 5.85 -7.36 2.66
N ASN A 186 5.83 -8.58 2.09
CA ASN A 186 5.00 -9.63 2.64
C ASN A 186 5.36 -9.97 4.09
N ASN A 187 6.64 -10.14 4.39
CA ASN A 187 7.10 -10.52 5.73
C ASN A 187 7.71 -9.33 6.46
N LEU A 188 7.14 -8.15 6.28
CA LEU A 188 7.70 -6.94 6.88
C LEU A 188 7.24 -6.72 8.31
N ASN A 189 6.06 -7.24 8.67
CA ASN A 189 5.54 -7.09 10.02
C ASN A 189 5.24 -8.44 10.64
N LYS A 190 4.66 -9.33 9.83
CA LYS A 190 4.24 -10.65 10.31
C LYS A 190 5.42 -11.47 10.82
N PHE A 191 6.48 -11.58 10.02
CA PHE A 191 7.58 -12.48 10.35
C PHE A 191 8.29 -12.06 11.64
N ASP A 192 8.27 -10.77 11.97
CA ASP A 192 8.94 -10.31 13.18
C ASP A 192 8.23 -10.82 14.43
N GLU A 193 6.90 -10.74 14.46
CA GLU A 193 6.15 -11.29 15.57
C GLU A 193 5.96 -12.79 15.45
N GLY A 194 6.36 -13.39 14.33
CA GLY A 194 6.26 -14.82 14.17
C GLY A 194 7.37 -15.61 14.84
N LEU A 195 7.77 -15.20 16.05
CA LEU A 195 8.61 -16.01 16.91
C LEU A 195 8.18 -16.01 18.37
N ALA A 196 7.13 -15.28 18.73
CA ALA A 196 6.52 -15.46 20.03
C ALA A 196 5.63 -16.70 20.06
N LEU A 197 5.41 -17.32 18.92
CA LEU A 197 4.54 -18.49 18.81
C LEU A 197 5.22 -19.66 18.13
N ALA A 198 6.55 -19.74 18.18
CA ALA A 198 7.23 -20.84 17.53
C ALA A 198 7.37 -22.04 18.46
N HIS A 199 7.68 -21.81 19.73
CA HIS A 199 7.91 -22.92 20.64
C HIS A 199 6.64 -23.66 21.01
N PHE A 200 5.47 -23.12 20.69
CA PHE A 200 4.26 -23.88 20.98
C PHE A 200 4.08 -25.06 20.03
N VAL A 201 5.11 -25.43 19.29
CA VAL A 201 5.09 -26.69 18.57
C VAL A 201 5.56 -27.82 19.47
N TRP A 202 6.35 -27.52 20.52
CA TRP A 202 6.62 -28.52 21.53
C TRP A 202 6.28 -28.06 22.94
N ILE A 203 5.56 -26.95 23.10
CA ILE A 203 4.99 -26.61 24.39
C ILE A 203 3.61 -27.21 24.53
N ALA A 204 2.76 -26.99 23.53
CA ALA A 204 1.41 -27.56 23.56
C ALA A 204 1.40 -29.07 23.78
N PRO A 205 2.27 -29.88 23.14
CA PRO A 205 2.28 -31.30 23.49
C PRO A 205 2.67 -31.57 24.93
N LEU A 206 3.79 -31.01 25.39
CA LEU A 206 4.22 -31.27 26.77
C LEU A 206 3.18 -30.83 27.78
N GLN A 207 2.36 -29.82 27.44
CA GLN A 207 1.29 -29.44 28.36
C GLN A 207 0.24 -30.54 28.48
N VAL A 208 -0.15 -31.17 27.38
CA VAL A 208 -1.19 -32.20 27.47
C VAL A 208 -0.65 -33.44 28.16
N ALA A 209 0.57 -33.86 27.79
CA ALA A 209 1.16 -35.03 28.42
C ALA A 209 1.52 -34.75 29.87
N LEU A 210 1.48 -33.48 30.27
CA LEU A 210 1.46 -33.14 31.68
C LEU A 210 0.03 -33.19 32.22
N LEU A 211 -0.88 -32.47 31.55
CA LEU A 211 -2.23 -32.33 32.06
C LEU A 211 -2.92 -33.68 32.15
N MET A 212 -2.90 -34.46 31.07
CA MET A 212 -3.56 -35.76 31.11
C MET A 212 -2.86 -36.75 32.02
N GLY A 213 -1.79 -36.34 32.68
CA GLY A 213 -1.34 -37.07 33.85
C GLY A 213 -2.19 -36.68 35.05
N LEU A 214 -2.12 -35.40 35.42
CA LEU A 214 -2.75 -34.93 36.64
C LEU A 214 -4.25 -35.20 36.65
N ILE A 215 -4.93 -34.90 35.54
CA ILE A 215 -6.37 -35.13 35.48
C ILE A 215 -6.69 -36.61 35.69
N TRP A 216 -5.85 -37.50 35.17
CA TRP A 216 -6.03 -38.92 35.48
C TRP A 216 -5.92 -39.16 36.97
N GLU A 217 -4.88 -38.59 37.60
CA GLU A 217 -4.72 -38.70 39.04
C GLU A 217 -5.95 -38.20 39.79
N LEU A 218 -6.83 -37.45 39.10
CA LEU A 218 -8.05 -36.95 39.73
C LEU A 218 -9.26 -37.77 39.35
N LEU A 219 -9.31 -38.29 38.12
CA LEU A 219 -10.54 -38.88 37.62
C LEU A 219 -10.56 -40.40 37.70
N GLN A 220 -9.39 -41.02 37.83
CA GLN A 220 -9.24 -42.45 38.12
C GLN A 220 -9.70 -43.37 37.00
N ALA A 221 -10.44 -42.85 36.03
CA ALA A 221 -10.68 -43.63 34.82
C ALA A 221 -10.71 -42.78 33.55
N SER A 222 -11.19 -41.55 33.66
CA SER A 222 -11.67 -40.80 32.51
C SER A 222 -10.74 -39.65 32.15
N ALA A 223 -9.70 -39.95 31.38
CA ALA A 223 -8.89 -38.89 30.78
C ALA A 223 -9.30 -38.62 29.33
N PHE A 224 -9.23 -39.64 28.47
CA PHE A 224 -9.45 -39.49 27.04
C PHE A 224 -10.79 -38.87 26.68
N CYS A 225 -11.82 -39.05 27.51
CA CYS A 225 -13.17 -38.64 27.11
C CYS A 225 -13.25 -37.14 26.86
N GLY A 226 -12.30 -36.36 27.36
CA GLY A 226 -12.30 -34.93 27.12
C GLY A 226 -11.35 -34.53 26.01
N LEU A 227 -10.20 -35.20 25.95
CA LEU A 227 -9.27 -34.97 24.85
C LEU A 227 -9.92 -35.28 23.51
N GLY A 228 -10.71 -36.35 23.44
CA GLY A 228 -11.43 -36.64 22.22
C GLY A 228 -12.38 -35.53 21.82
N PHE A 229 -13.07 -34.93 22.79
CA PHE A 229 -13.91 -33.78 22.48
C PHE A 229 -13.07 -32.62 21.96
N LEU A 230 -11.91 -32.38 22.57
CA LEU A 230 -11.07 -31.28 22.10
C LEU A 230 -10.56 -31.54 20.70
N ILE A 231 -10.25 -32.80 20.37
CA ILE A 231 -9.80 -33.11 19.02
C ILE A 231 -10.94 -32.87 18.02
N VAL A 232 -12.14 -33.36 18.33
CA VAL A 232 -13.30 -33.10 17.50
C VAL A 232 -13.45 -31.60 17.28
N LEU A 233 -13.43 -30.83 18.36
CA LEU A 233 -13.65 -29.39 18.27
C LEU A 233 -12.58 -28.71 17.42
N ALA A 234 -11.31 -29.04 17.65
CA ALA A 234 -10.24 -28.37 16.91
C ALA A 234 -10.28 -28.72 15.43
N LEU A 235 -10.47 -30.01 15.11
CA LEU A 235 -10.58 -30.41 13.71
C LEU A 235 -11.76 -29.74 13.04
N PHE A 236 -12.92 -29.74 13.67
CA PHE A 236 -14.08 -29.05 13.12
C PHE A 236 -13.80 -27.57 12.89
N GLN A 237 -13.17 -26.92 13.86
CA GLN A 237 -12.91 -25.48 13.74
C GLN A 237 -11.96 -25.20 12.59
N ALA A 238 -10.94 -26.04 12.42
CA ALA A 238 -10.05 -25.87 11.27
C ALA A 238 -10.73 -26.22 9.95
N GLY A 239 -11.65 -27.17 9.97
CA GLY A 239 -12.43 -27.47 8.77
C GLY A 239 -13.26 -26.30 8.32
N LEU A 240 -13.77 -25.50 9.26
CA LEU A 240 -14.37 -24.22 8.89
C LEU A 240 -13.40 -23.30 8.17
N GLY A 241 -12.09 -23.53 8.30
CA GLY A 241 -11.11 -22.67 7.63
C GLY A 241 -11.29 -22.65 6.12
N ARG A 242 -11.32 -23.82 5.48
CA ARG A 242 -11.47 -23.84 4.03
C ARG A 242 -12.85 -23.36 3.60
N MET A 243 -13.89 -23.64 4.40
CA MET A 243 -15.21 -23.13 4.04
C MET A 243 -15.33 -21.63 4.26
N MET A 244 -14.33 -21.02 4.91
CA MET A 244 -14.22 -19.57 4.94
C MET A 244 -13.42 -19.08 3.74
N MET A 245 -12.27 -19.71 3.50
CA MET A 245 -11.34 -19.25 2.48
C MET A 245 -11.96 -19.39 1.09
N LYS A 246 -12.82 -20.38 0.88
CA LYS A 246 -13.49 -20.50 -0.41
C LYS A 246 -14.38 -19.31 -0.69
N TYR A 247 -15.16 -18.88 0.30
CA TYR A 247 -15.99 -17.69 0.12
C TYR A 247 -15.13 -16.47 -0.13
N ARG A 248 -14.05 -16.30 0.64
CA ARG A 248 -13.24 -15.11 0.45
C ARG A 248 -12.54 -15.11 -0.90
N ASP A 249 -12.02 -16.25 -1.34
CA ASP A 249 -11.53 -16.41 -2.71
C ASP A 249 -12.56 -15.94 -3.72
N GLN A 250 -13.76 -16.54 -3.69
CA GLN A 250 -14.80 -16.18 -4.64
C GLN A 250 -15.08 -14.68 -4.62
N ARG A 251 -14.97 -14.05 -3.45
CA ARG A 251 -15.16 -12.60 -3.35
C ARG A 251 -13.98 -11.81 -3.91
N ALA A 252 -12.77 -12.40 -3.91
CA ALA A 252 -11.57 -11.63 -4.23
C ALA A 252 -11.64 -10.98 -5.61
N GLY A 253 -11.69 -11.79 -6.67
CA GLY A 253 -11.74 -11.23 -8.02
C GLY A 253 -12.95 -10.35 -8.26
N LYS A 254 -14.06 -10.70 -7.63
CA LYS A 254 -15.25 -9.87 -7.66
C LYS A 254 -14.97 -8.48 -7.12
N ILE A 255 -14.08 -8.37 -6.14
CA ILE A 255 -13.70 -7.05 -5.63
C ILE A 255 -13.00 -6.24 -6.71
N SER A 256 -12.12 -6.89 -7.50
CA SER A 256 -11.50 -6.20 -8.62
C SER A 256 -12.54 -5.78 -9.65
N GLU A 257 -13.52 -6.65 -9.92
CA GLU A 257 -14.59 -6.28 -10.84
C GLU A 257 -15.33 -5.04 -10.36
N ARG A 258 -15.54 -4.92 -9.05
CA ARG A 258 -16.19 -3.73 -8.51
C ARG A 258 -15.26 -2.53 -8.57
N LEU A 259 -13.96 -2.76 -8.41
CA LEU A 259 -13.01 -1.68 -8.19
C LEU A 259 -12.55 -1.03 -9.48
N VAL A 260 -12.57 -1.76 -10.60
CA VAL A 260 -12.09 -1.19 -11.85
C VAL A 260 -12.97 -0.01 -12.28
N ILE A 261 -14.29 -0.16 -12.17
CA ILE A 261 -15.18 0.94 -12.54
C ILE A 261 -15.04 2.12 -11.59
N THR A 262 -14.78 1.89 -10.31
CA THR A 262 -14.56 3.01 -9.39
C THR A 262 -13.29 3.76 -9.74
N SER A 263 -12.21 3.03 -10.05
CA SER A 263 -10.99 3.69 -10.49
C SER A 263 -11.23 4.50 -11.76
N GLU A 264 -11.94 3.91 -12.72
CA GLU A 264 -12.22 4.62 -13.98
C GLU A 264 -13.01 5.90 -13.72
N MET A 265 -14.06 5.80 -12.89
CA MET A 265 -14.86 6.99 -12.58
C MET A 265 -14.02 8.05 -11.90
N ILE A 266 -13.25 7.66 -10.88
CA ILE A 266 -12.36 8.60 -10.20
C ILE A 266 -11.44 9.29 -11.20
N GLU A 267 -11.00 8.56 -12.22
CA GLU A 267 -9.99 9.09 -13.12
C GLU A 267 -10.58 9.95 -14.23
N ASN A 268 -11.90 10.13 -14.26
CA ASN A 268 -12.53 10.97 -15.27
C ASN A 268 -13.70 11.75 -14.68
N ILE A 269 -13.56 12.24 -13.45
CA ILE A 269 -14.67 12.82 -12.71
C ILE A 269 -15.31 13.99 -13.45
N GLN A 270 -14.49 14.83 -14.09
CA GLN A 270 -15.04 16.00 -14.76
C GLN A 270 -15.87 15.62 -15.98
N SER A 271 -15.68 14.42 -16.53
CA SER A 271 -16.58 13.94 -17.58
C SER A 271 -17.94 13.59 -17.00
N VAL A 272 -17.96 12.89 -15.86
CA VAL A 272 -19.24 12.54 -15.24
C VAL A 272 -20.00 13.80 -14.83
N LYS A 273 -19.28 14.78 -14.28
CA LYS A 273 -19.94 16.03 -13.89
C LYS A 273 -20.54 16.73 -15.10
N ALA A 274 -19.81 16.76 -16.21
CA ALA A 274 -20.31 17.45 -17.40
C ALA A 274 -21.46 16.71 -18.05
N TYR A 275 -21.46 15.37 -18.00
CA TYR A 275 -22.52 14.59 -18.62
C TYR A 275 -23.69 14.32 -17.69
N CYS A 276 -23.58 14.68 -16.41
CA CYS A 276 -24.66 14.46 -15.44
C CYS A 276 -25.05 12.99 -15.34
N TRP A 277 -24.10 12.17 -14.90
CA TRP A 277 -24.29 10.73 -14.80
C TRP A 277 -24.18 10.22 -13.35
N GLU A 278 -24.10 11.12 -12.38
CA GLU A 278 -23.91 10.74 -10.98
C GLU A 278 -24.80 9.55 -10.58
N GLU A 279 -26.09 9.63 -10.91
CA GLU A 279 -27.02 8.57 -10.52
C GLU A 279 -26.70 7.26 -11.22
N ALA A 280 -26.27 7.32 -12.48
CA ALA A 280 -25.92 6.09 -13.19
C ALA A 280 -24.75 5.38 -12.53
N MET A 281 -23.70 6.13 -12.18
CA MET A 281 -22.57 5.52 -11.48
C MET A 281 -22.99 4.98 -10.11
N GLU A 282 -23.81 5.73 -9.37
CA GLU A 282 -24.25 5.24 -8.07
C GLU A 282 -25.02 3.94 -8.22
N LYS A 283 -25.94 3.88 -9.19
CA LYS A 283 -26.72 2.66 -9.41
C LYS A 283 -25.83 1.50 -9.80
N MET A 284 -24.82 1.74 -10.64
CA MET A 284 -23.92 0.66 -11.04
C MET A 284 -23.11 0.15 -9.86
N ILE A 285 -22.53 1.07 -9.07
CA ILE A 285 -21.74 0.65 -7.92
C ILE A 285 -22.60 -0.16 -6.95
N GLU A 286 -23.85 0.26 -6.74
CA GLU A 286 -24.73 -0.53 -5.88
C GLU A 286 -24.93 -1.93 -6.45
N ASN A 287 -25.41 -2.02 -7.70
CA ASN A 287 -25.72 -3.32 -8.27
C ASN A 287 -24.51 -4.26 -8.28
N LEU A 288 -23.29 -3.72 -8.31
CA LEU A 288 -22.13 -4.58 -8.10
C LEU A 288 -21.93 -4.94 -6.63
N ARG A 289 -22.12 -4.00 -5.70
CA ARG A 289 -21.78 -4.27 -4.31
C ARG A 289 -22.76 -5.23 -3.63
N GLN A 290 -24.00 -5.30 -4.13
CA GLN A 290 -25.01 -6.17 -3.53
C GLN A 290 -24.49 -7.59 -3.28
N THR A 291 -24.02 -8.26 -4.33
CA THR A 291 -23.60 -9.64 -4.20
C THR A 291 -22.27 -9.78 -3.46
N GLU A 292 -21.40 -8.76 -3.52
CA GLU A 292 -20.20 -8.78 -2.69
C GLU A 292 -20.57 -8.83 -1.22
N LEU A 293 -21.56 -8.02 -0.83
CA LEU A 293 -22.06 -8.10 0.53
C LEU A 293 -22.68 -9.45 0.83
N LYS A 294 -23.45 -10.01 -0.11
CA LYS A 294 -23.93 -11.38 0.03
C LYS A 294 -22.81 -12.31 0.51
N LEU A 295 -21.72 -12.36 -0.27
CA LEU A 295 -20.62 -13.26 0.07
C LEU A 295 -19.95 -12.90 1.38
N THR A 296 -19.71 -11.61 1.63
CA THR A 296 -19.04 -11.20 2.87
C THR A 296 -19.88 -11.55 4.09
N ARG A 297 -21.20 -11.35 4.00
CA ARG A 297 -22.10 -11.70 5.09
C ARG A 297 -22.06 -13.20 5.37
N LYS A 298 -22.06 -14.02 4.31
CA LYS A 298 -21.90 -15.46 4.51
C LYS A 298 -20.60 -15.77 5.25
N ALA A 299 -19.50 -15.16 4.80
CA ALA A 299 -18.21 -15.39 5.45
C ALA A 299 -18.25 -14.98 6.92
N ALA A 300 -18.90 -13.84 7.21
CA ALA A 300 -18.96 -13.36 8.59
C ALA A 300 -19.77 -14.29 9.47
N TYR A 301 -20.88 -14.84 8.96
CA TYR A 301 -21.62 -15.82 9.75
C TYR A 301 -20.78 -17.05 10.05
N VAL A 302 -20.04 -17.54 9.05
CA VAL A 302 -19.18 -18.69 9.27
C VAL A 302 -18.12 -18.36 10.33
N ARG A 303 -17.51 -17.18 10.24
CA ARG A 303 -16.47 -16.81 11.18
C ARG A 303 -17.02 -16.60 12.59
N TYR A 304 -18.27 -16.15 12.71
CA TYR A 304 -18.88 -16.10 14.03
C TYR A 304 -19.06 -17.50 14.60
N PHE A 305 -19.56 -18.43 13.79
CA PHE A 305 -19.63 -19.82 14.26
C PHE A 305 -18.27 -20.30 14.75
N ASN A 306 -17.22 -19.99 14.00
CA ASN A 306 -15.87 -20.36 14.42
C ASN A 306 -15.56 -19.80 15.80
N SER A 307 -15.63 -18.47 15.95
CA SER A 307 -15.21 -17.87 17.21
C SER A 307 -16.16 -18.18 18.36
N SER A 308 -17.35 -18.72 18.07
CA SER A 308 -18.27 -19.09 19.13
C SER A 308 -18.07 -20.52 19.60
N ALA A 309 -17.58 -21.39 18.70
CA ALA A 309 -17.21 -22.73 19.14
C ALA A 309 -16.19 -22.69 20.26
N PHE A 310 -15.21 -21.79 20.17
CA PHE A 310 -14.19 -21.70 21.20
C PHE A 310 -14.78 -21.17 22.50
N PHE A 311 -15.88 -20.44 22.43
CA PHE A 311 -16.45 -19.89 23.66
C PHE A 311 -17.44 -20.85 24.30
N PHE A 312 -18.08 -21.72 23.53
CA PHE A 312 -18.90 -22.76 24.13
C PHE A 312 -18.15 -24.07 24.38
N SER A 313 -16.86 -24.13 24.04
CA SER A 313 -16.05 -25.24 24.50
C SER A 313 -16.03 -25.35 26.01
N GLY A 314 -15.78 -24.23 26.71
CA GLY A 314 -15.40 -24.29 28.12
C GLY A 314 -16.38 -25.02 29.02
N PHE A 315 -17.61 -25.20 28.57
CA PHE A 315 -18.60 -25.91 29.38
C PHE A 315 -18.57 -27.41 29.07
N PHE A 316 -18.64 -27.75 27.79
CA PHE A 316 -18.67 -29.17 27.42
C PHE A 316 -17.36 -29.87 27.73
N VAL A 317 -16.22 -29.18 27.53
CA VAL A 317 -14.91 -29.77 27.75
C VAL A 317 -14.82 -30.36 29.15
N VAL A 318 -15.61 -29.82 30.09
CA VAL A 318 -15.60 -30.36 31.44
C VAL A 318 -16.85 -31.17 31.74
N PHE A 319 -17.98 -30.86 31.11
CA PHE A 319 -19.18 -31.66 31.37
C PHE A 319 -19.02 -33.09 30.88
N LEU A 320 -18.44 -33.27 29.70
CA LEU A 320 -18.23 -34.63 29.21
C LEU A 320 -17.13 -35.36 29.98
N SER A 321 -16.12 -34.64 30.46
CA SER A 321 -15.09 -35.23 31.29
C SER A 321 -15.57 -35.55 32.70
N VAL A 322 -16.67 -34.97 33.15
CA VAL A 322 -17.14 -35.18 34.52
C VAL A 322 -18.28 -36.18 34.55
N LEU A 323 -19.09 -36.20 33.49
CA LEU A 323 -20.32 -36.99 33.46
C LEU A 323 -20.12 -38.46 33.83
N PRO A 324 -19.23 -39.21 33.16
CA PRO A 324 -19.15 -40.65 33.46
C PRO A 324 -18.72 -40.97 34.88
N TYR A 325 -17.62 -40.38 35.34
CA TYR A 325 -17.13 -40.68 36.68
C TYR A 325 -18.14 -40.29 37.74
N ALA A 326 -18.91 -39.22 37.48
CA ALA A 326 -20.01 -38.88 38.37
C ALA A 326 -21.10 -39.94 38.37
N LEU A 327 -21.47 -40.43 37.18
CA LEU A 327 -22.45 -41.51 37.08
C LEU A 327 -22.02 -42.70 37.92
N ILE A 328 -20.79 -43.18 37.71
CA ILE A 328 -20.35 -44.40 38.38
C ILE A 328 -20.26 -44.20 39.89
N LYS A 329 -19.71 -43.08 40.34
CA LYS A 329 -19.49 -42.89 41.77
C LYS A 329 -19.71 -41.43 42.13
N GLY A 330 -20.26 -41.22 43.32
CA GLY A 330 -20.39 -39.85 43.82
C GLY A 330 -19.05 -39.17 43.93
N ILE A 331 -18.99 -37.92 43.47
CA ILE A 331 -17.74 -37.17 43.38
C ILE A 331 -17.78 -36.04 44.39
N ILE A 332 -16.66 -35.84 45.08
CA ILE A 332 -16.51 -34.74 46.02
C ILE A 332 -16.58 -33.42 45.26
N LEU A 333 -16.89 -32.34 45.96
CA LEU A 333 -16.97 -31.04 45.31
C LEU A 333 -15.61 -30.52 44.93
N ARG A 334 -14.57 -30.90 45.68
CA ARG A 334 -13.22 -30.42 45.39
C ARG A 334 -12.79 -30.81 43.99
N LYS A 335 -13.30 -31.93 43.47
CA LYS A 335 -12.95 -32.38 42.13
C LYS A 335 -13.88 -31.82 41.07
N ILE A 336 -14.50 -30.69 41.34
CA ILE A 336 -15.21 -29.90 40.33
C ILE A 336 -14.54 -28.56 40.13
N PHE A 337 -14.39 -27.79 41.22
CA PHE A 337 -13.72 -26.50 41.15
C PHE A 337 -12.25 -26.65 40.77
N THR A 338 -11.67 -27.82 41.04
CA THR A 338 -10.27 -28.05 40.64
C THR A 338 -10.18 -28.41 39.17
N THR A 339 -10.92 -29.44 38.75
CA THR A 339 -10.82 -29.92 37.38
C THR A 339 -11.14 -28.83 36.37
N ILE A 340 -12.12 -27.98 36.68
CA ILE A 340 -12.46 -26.88 35.79
C ILE A 340 -11.25 -26.00 35.51
N SER A 341 -10.42 -25.74 36.52
CA SER A 341 -9.27 -24.87 36.30
C SER A 341 -8.19 -25.55 35.47
N PHE A 342 -8.20 -26.88 35.39
CA PHE A 342 -7.39 -27.54 34.37
C PHE A 342 -8.06 -27.43 33.01
N CYS A 343 -9.39 -27.57 32.98
CA CYS A 343 -10.11 -27.61 31.71
C CYS A 343 -9.92 -26.34 30.92
N ILE A 344 -9.73 -25.20 31.59
CA ILE A 344 -9.44 -23.96 30.89
C ILE A 344 -8.09 -24.06 30.17
N VAL A 345 -7.06 -24.50 30.89
CA VAL A 345 -5.71 -24.53 30.29
C VAL A 345 -5.67 -25.52 29.13
N LEU A 346 -6.13 -26.74 29.36
CA LEU A 346 -6.13 -27.76 28.31
C LEU A 346 -6.83 -27.24 27.06
N ARG A 347 -8.02 -26.66 27.23
CA ARG A 347 -8.73 -26.07 26.10
C ARG A 347 -7.88 -25.02 25.42
N MET A 348 -7.23 -24.15 26.21
CA MET A 348 -6.42 -23.09 25.62
C MET A 348 -5.16 -23.65 24.95
N ALA A 349 -4.82 -24.91 25.22
CA ALA A 349 -3.56 -25.42 24.69
C ALA A 349 -3.76 -26.44 23.57
N VAL A 350 -4.99 -26.63 23.11
CA VAL A 350 -5.26 -27.52 21.99
C VAL A 350 -6.11 -26.86 20.92
N THR A 351 -6.64 -25.66 21.18
CA THR A 351 -7.56 -25.02 20.25
C THR A 351 -7.03 -23.71 19.68
N ARG A 352 -6.20 -22.99 20.42
CA ARG A 352 -5.65 -21.74 19.91
C ARG A 352 -4.13 -21.80 19.82
N GLN A 353 -3.48 -22.28 20.87
CA GLN A 353 -2.02 -22.24 20.93
C GLN A 353 -1.38 -23.16 19.90
N PHE A 354 -2.02 -24.29 19.60
CA PHE A 354 -1.44 -25.25 18.65
C PHE A 354 -1.62 -24.83 17.19
N PRO A 355 -2.85 -24.55 16.72
CA PRO A 355 -2.99 -24.17 15.31
C PRO A 355 -2.28 -22.88 14.97
N TRP A 356 -2.12 -21.96 15.91
CA TRP A 356 -1.32 -20.78 15.62
C TRP A 356 0.14 -21.14 15.37
N ALA A 357 0.70 -22.04 16.17
CA ALA A 357 2.07 -22.50 15.93
C ALA A 357 2.18 -23.18 14.58
N VAL A 358 1.20 -24.01 14.24
CA VAL A 358 1.26 -24.73 12.96
C VAL A 358 1.20 -23.74 11.80
N GLN A 359 0.29 -22.78 11.86
CA GLN A 359 0.19 -21.78 10.80
C GLN A 359 1.44 -20.93 10.72
N THR A 360 2.04 -20.61 11.88
CA THR A 360 3.25 -19.82 11.89
C THR A 360 4.39 -20.56 11.20
N TRP A 361 4.54 -21.85 11.47
CA TRP A 361 5.60 -22.59 10.78
C TRP A 361 5.32 -22.75 9.30
N TYR A 362 4.07 -23.02 8.91
CA TYR A 362 3.72 -23.00 7.49
C TYR A 362 4.17 -21.71 6.83
N ASP A 363 3.69 -20.57 7.31
CA ASP A 363 3.98 -19.30 6.64
C ASP A 363 5.47 -18.97 6.67
N SER A 364 6.13 -19.21 7.81
CA SER A 364 7.54 -18.85 7.93
C SER A 364 8.40 -19.70 7.00
N LEU A 365 8.17 -21.01 6.97
CA LEU A 365 8.97 -21.84 6.08
C LEU A 365 8.61 -21.61 4.62
N GLY A 366 7.38 -21.17 4.35
CA GLY A 366 7.06 -20.76 2.99
C GLY A 366 7.86 -19.54 2.55
N ALA A 367 7.94 -18.53 3.43
CA ALA A 367 8.73 -17.34 3.10
C ALA A 367 10.20 -17.66 2.97
N ILE A 368 10.72 -18.53 3.84
CA ILE A 368 12.13 -18.90 3.73
C ILE A 368 12.38 -19.71 2.47
N ASN A 369 11.42 -20.57 2.08
CA ASN A 369 11.53 -21.26 0.81
C ASN A 369 11.61 -20.26 -0.33
N LYS A 370 10.76 -19.24 -0.31
CA LYS A 370 10.78 -18.22 -1.35
C LYS A 370 12.13 -17.52 -1.42
N ILE A 371 12.67 -17.12 -0.27
CA ILE A 371 13.93 -16.38 -0.29
C ILE A 371 15.10 -17.28 -0.71
N GLN A 372 15.15 -18.51 -0.20
CA GLN A 372 16.15 -19.48 -0.64
C GLN A 372 16.08 -19.68 -2.14
N ASP A 373 14.88 -19.87 -2.69
CA ASP A 373 14.73 -20.00 -4.14
C ASP A 373 15.10 -18.72 -4.86
N PHE A 374 15.09 -17.59 -4.16
CA PHE A 374 15.53 -16.34 -4.77
C PHE A 374 17.04 -16.30 -4.91
N LEU A 375 17.76 -16.41 -3.79
CA LEU A 375 19.19 -16.13 -3.79
C LEU A 375 20.00 -17.01 -4.75
N GLN A 376 19.40 -18.05 -5.30
CA GLN A 376 20.10 -18.97 -6.20
C GLN A 376 20.19 -18.47 -7.63
N LYS A 377 19.53 -17.37 -7.97
CA LYS A 377 19.34 -16.99 -9.37
C LYS A 377 20.66 -16.63 -10.04
N GLN A 378 20.62 -16.53 -11.36
CA GLN A 378 21.81 -16.29 -12.18
C GLN A 378 22.50 -15.01 -11.74
N GLU A 379 23.80 -15.10 -11.50
CA GLU A 379 24.55 -14.03 -10.85
C GLU A 379 25.40 -13.28 -11.86
N TYR A 380 25.25 -11.96 -11.90
CA TYR A 380 26.10 -11.13 -12.74
C TYR A 380 27.54 -11.17 -12.25
N LYS A 381 28.48 -11.10 -13.20
CA LYS A 381 29.89 -11.01 -12.91
C LYS A 381 30.46 -9.78 -13.59
N THR A 382 31.36 -9.08 -12.91
CA THR A 382 32.11 -7.99 -13.53
C THR A 382 33.34 -8.58 -14.19
N LEU A 383 33.64 -8.12 -15.41
CA LEU A 383 34.68 -8.78 -16.19
C LEU A 383 36.06 -8.34 -15.72
N GLU A 384 37.07 -9.12 -16.13
CA GLU A 384 38.45 -8.81 -15.79
C GLU A 384 38.89 -7.58 -16.56
N TYR A 385 38.77 -6.41 -15.94
CA TYR A 385 39.04 -5.15 -16.60
C TYR A 385 40.10 -4.38 -15.83
N ASN A 386 40.55 -3.27 -16.43
CA ASN A 386 41.52 -2.37 -15.82
C ASN A 386 42.81 -3.06 -15.41
N LEU A 387 43.11 -4.21 -16.02
CA LEU A 387 44.41 -4.86 -15.79
C LEU A 387 45.46 -4.19 -16.68
N THR A 388 45.30 -4.32 -17.99
CA THR A 388 46.07 -3.57 -18.99
C THR A 388 45.47 -3.85 -20.36
N THR A 389 45.37 -2.82 -21.19
CA THR A 389 44.86 -3.04 -22.55
C THR A 389 45.22 -1.85 -23.43
N THR A 390 45.53 -2.15 -24.68
CA THR A 390 45.65 -1.17 -25.74
C THR A 390 44.27 -0.84 -26.30
N GLU A 391 44.23 -0.25 -27.49
CA GLU A 391 42.99 0.06 -28.19
C GLU A 391 41.93 -1.03 -28.00
N VAL A 392 40.72 -0.61 -27.65
CA VAL A 392 39.62 -1.54 -27.41
C VAL A 392 39.36 -2.36 -28.66
N VAL A 393 39.10 -3.65 -28.49
CA VAL A 393 38.92 -4.56 -29.61
C VAL A 393 37.61 -5.33 -29.41
N MET A 394 36.74 -5.29 -30.41
CA MET A 394 35.51 -6.06 -30.42
C MET A 394 35.43 -6.86 -31.71
N GLU A 395 35.96 -8.08 -31.68
CA GLU A 395 36.09 -8.89 -32.88
C GLU A 395 35.14 -10.07 -32.80
N ASN A 396 34.42 -10.32 -33.90
CA ASN A 396 33.46 -11.42 -34.00
C ASN A 396 32.36 -11.31 -32.94
N VAL A 397 31.61 -10.21 -33.00
CA VAL A 397 30.63 -9.91 -31.95
C VAL A 397 29.24 -10.33 -32.45
N THR A 398 28.75 -11.46 -31.97
CA THR A 398 27.40 -11.94 -32.27
C THR A 398 26.64 -12.11 -30.97
N ALA A 399 25.43 -11.56 -30.90
CA ALA A 399 24.67 -11.55 -29.67
C ALA A 399 23.18 -11.60 -30.00
N PHE A 400 22.43 -12.35 -29.20
CA PHE A 400 21.01 -12.54 -29.39
C PHE A 400 20.24 -11.71 -28.37
N TRP A 401 19.22 -10.99 -28.83
CA TRP A 401 18.47 -10.10 -27.97
C TRP A 401 17.60 -10.85 -26.96
N GLU A 402 17.45 -12.16 -27.12
CA GLU A 402 16.65 -12.95 -26.18
C GLU A 402 17.48 -14.07 -25.57
N GLY A 437 18.53 -16.33 -30.39
CA GLY A 437 19.39 -16.47 -31.54
C GLY A 437 19.16 -15.42 -32.61
N THR A 438 18.25 -14.49 -32.32
CA THR A 438 17.97 -13.43 -33.27
C THR A 438 19.13 -12.43 -33.29
N PRO A 439 19.93 -12.41 -34.36
CA PRO A 439 21.15 -11.61 -34.35
C PRO A 439 20.90 -10.12 -34.38
N VAL A 440 21.17 -9.44 -33.26
CA VAL A 440 21.14 -7.98 -33.25
C VAL A 440 22.41 -7.42 -33.85
N LEU A 441 23.49 -8.20 -33.85
CA LEU A 441 24.76 -7.83 -34.46
C LEU A 441 25.21 -8.94 -35.40
N LYS A 442 25.70 -8.56 -36.58
CA LYS A 442 26.12 -9.52 -37.59
C LYS A 442 27.63 -9.71 -37.50
N ASP A 443 28.07 -10.33 -36.40
CA ASP A 443 29.47 -10.69 -36.19
C ASP A 443 30.40 -9.49 -36.32
N ILE A 444 29.98 -8.36 -35.76
CA ILE A 444 30.69 -7.11 -35.97
C ILE A 444 32.05 -7.13 -35.28
N ASN A 445 32.91 -6.19 -35.67
CA ASN A 445 34.25 -6.07 -35.12
C ASN A 445 34.71 -4.63 -35.30
N PHE A 446 35.64 -4.21 -34.45
CA PHE A 446 36.19 -2.86 -34.53
C PHE A 446 37.36 -2.73 -33.56
N LYS A 447 38.32 -1.91 -33.95
CA LYS A 447 39.43 -1.53 -33.07
C LYS A 447 39.34 -0.02 -32.88
N ILE A 448 39.20 0.41 -31.63
CA ILE A 448 39.09 1.83 -31.31
C ILE A 448 40.33 2.23 -30.52
N GLU A 449 41.06 3.21 -31.05
CA GLU A 449 42.35 3.57 -30.48
C GLU A 449 42.19 4.32 -29.17
N ARG A 450 43.22 4.24 -28.33
CA ARG A 450 43.21 4.89 -27.02
C ARG A 450 43.39 6.38 -27.25
N GLY A 451 42.29 7.05 -27.60
CA GLY A 451 42.30 8.45 -27.97
C GLY A 451 41.46 8.76 -29.19
N GLN A 452 41.18 7.78 -30.04
CA GLN A 452 40.42 8.00 -31.26
C GLN A 452 38.94 8.20 -30.94
N LEU A 453 38.13 8.34 -31.99
CA LEU A 453 36.71 8.60 -31.84
C LEU A 453 35.93 7.83 -32.90
N LEU A 454 34.92 7.09 -32.46
CA LEU A 454 34.00 6.37 -33.33
C LEU A 454 32.60 6.90 -33.09
N ALA A 455 31.70 6.66 -34.05
CA ALA A 455 30.29 6.98 -33.90
C ALA A 455 29.46 5.85 -34.48
N VAL A 456 28.59 5.28 -33.65
CA VAL A 456 27.57 4.37 -34.13
C VAL A 456 26.39 5.17 -34.65
N ALA A 457 25.53 4.51 -35.43
CA ALA A 457 24.30 5.11 -35.93
C ALA A 457 23.45 4.00 -36.53
N GLY A 458 22.15 4.24 -36.58
CA GLY A 458 21.23 3.28 -37.15
C GLY A 458 19.81 3.68 -36.84
N SER A 459 18.92 2.69 -36.91
CA SER A 459 17.56 2.90 -36.46
C SER A 459 17.49 2.84 -34.93
N THR A 460 16.42 3.41 -34.39
CA THR A 460 16.27 3.49 -32.94
C THR A 460 16.21 2.09 -32.34
N GLY A 461 17.19 1.77 -31.49
CA GLY A 461 17.24 0.45 -30.89
C GLY A 461 17.54 -0.67 -31.85
N ALA A 462 18.46 -0.46 -32.79
CA ALA A 462 18.79 -1.46 -33.79
C ALA A 462 19.79 -2.47 -33.26
N GLY A 463 19.92 -2.55 -31.93
CA GLY A 463 20.91 -3.41 -31.32
C GLY A 463 22.24 -2.75 -31.05
N LYS A 464 22.47 -1.55 -31.59
CA LYS A 464 23.65 -0.79 -31.19
C LYS A 464 23.62 -0.49 -29.70
N THR A 465 22.44 -0.16 -29.16
CA THR A 465 22.28 -0.10 -27.71
C THR A 465 22.65 -1.42 -27.06
N SER A 466 22.21 -2.54 -27.65
CA SER A 466 22.62 -3.85 -27.14
C SER A 466 24.11 -4.09 -27.35
N LEU A 467 24.68 -3.58 -28.45
CA LEU A 467 26.12 -3.70 -28.65
C LEU A 467 26.90 -2.97 -27.55
N LEU A 468 26.43 -1.79 -27.16
CA LEU A 468 27.05 -1.08 -26.06
C LEU A 468 26.85 -1.81 -24.74
N MET A 469 25.62 -2.24 -24.46
CA MET A 469 25.36 -2.99 -23.23
C MET A 469 26.13 -4.30 -23.19
N VAL A 470 26.66 -4.74 -24.33
CA VAL A 470 27.63 -5.84 -24.33
C VAL A 470 29.02 -5.31 -24.02
N ILE A 471 29.47 -4.30 -24.77
CA ILE A 471 30.75 -3.68 -24.49
C ILE A 471 30.76 -3.02 -23.12
N MET A 472 29.58 -2.68 -22.58
CA MET A 472 29.48 -2.26 -21.20
C MET A 472 29.44 -3.43 -20.23
N GLY A 473 29.42 -4.66 -20.75
CA GLY A 473 29.51 -5.83 -19.92
C GLY A 473 28.23 -6.25 -19.23
N GLU A 474 27.07 -5.75 -19.68
CA GLU A 474 25.82 -6.17 -19.05
C GLU A 474 25.07 -7.18 -19.90
N LEU A 475 25.55 -7.43 -21.12
CA LEU A 475 25.02 -8.47 -22.00
C LEU A 475 26.21 -9.31 -22.43
N GLU A 476 26.06 -10.63 -22.37
CA GLU A 476 27.20 -11.50 -22.64
C GLU A 476 27.07 -12.14 -24.01
N PRO A 477 27.88 -11.74 -24.99
CA PRO A 477 27.87 -12.44 -26.29
C PRO A 477 28.82 -13.62 -26.28
N SER A 478 28.31 -14.79 -26.66
CA SER A 478 29.13 -16.01 -26.59
C SER A 478 30.11 -16.09 -27.75
N GLU A 479 30.12 -15.10 -28.63
CA GLU A 479 30.93 -15.14 -29.84
C GLU A 479 32.04 -14.11 -29.80
N GLY A 480 33.27 -14.57 -30.02
CA GLY A 480 34.38 -13.70 -30.32
C GLY A 480 35.14 -13.22 -29.09
N LYS A 481 35.67 -12.01 -29.21
CA LYS A 481 36.39 -11.36 -28.11
C LYS A 481 36.02 -9.89 -28.13
N ILE A 482 35.26 -9.46 -27.13
CA ILE A 482 34.84 -8.08 -26.99
C ILE A 482 35.41 -7.57 -25.67
N LYS A 483 36.39 -6.67 -25.74
CA LYS A 483 37.13 -6.29 -24.56
C LYS A 483 37.80 -4.95 -24.78
N HIS A 484 38.21 -4.33 -23.67
CA HIS A 484 38.86 -3.03 -23.64
C HIS A 484 39.70 -2.96 -22.38
N SER A 485 40.24 -1.77 -22.11
CA SER A 485 40.80 -1.52 -20.79
C SER A 485 39.77 -1.78 -19.70
N GLY A 486 38.50 -1.53 -20.00
CA GLY A 486 37.41 -1.83 -19.11
C GLY A 486 37.07 -0.73 -18.11
N ARG A 487 37.89 0.32 -18.05
CA ARG A 487 37.51 1.50 -17.27
C ARG A 487 36.60 2.36 -18.13
N ILE A 488 35.29 2.19 -17.98
CA ILE A 488 34.31 2.81 -18.87
C ILE A 488 33.31 3.58 -18.04
N SER A 489 32.91 4.75 -18.54
CA SER A 489 31.78 5.48 -17.99
C SER A 489 30.61 5.39 -18.95
N PHE A 490 29.41 5.56 -18.41
CA PHE A 490 28.19 5.39 -19.19
C PHE A 490 27.29 6.61 -19.03
N CYS A 491 26.46 6.85 -20.05
CA CYS A 491 25.44 7.90 -20.03
C CYS A 491 24.28 7.37 -20.88
N SER A 492 23.25 6.87 -20.21
CA SER A 492 22.19 6.15 -20.90
C SER A 492 21.19 7.11 -21.53
N GLN A 493 20.42 6.59 -22.49
CA GLN A 493 19.39 7.39 -23.15
C GLN A 493 18.32 7.85 -22.15
N PHE A 494 18.01 7.02 -21.16
CA PHE A 494 16.98 7.33 -20.17
C PHE A 494 17.70 7.67 -18.86
N SER A 495 17.88 8.97 -18.61
CA SER A 495 18.62 9.42 -17.45
C SER A 495 17.86 9.11 -16.16
N TRP A 496 18.61 8.86 -15.09
CA TRP A 496 18.06 8.65 -13.76
C TRP A 496 18.56 9.75 -12.85
N ILE A 497 17.72 10.15 -11.89
CA ILE A 497 18.05 11.22 -10.96
C ILE A 497 17.98 10.66 -9.54
N MET A 498 19.10 10.70 -8.84
CA MET A 498 19.17 10.23 -7.46
C MET A 498 18.67 11.30 -6.50
N PRO A 499 18.57 10.97 -5.21
CA PRO A 499 18.21 12.00 -4.22
C PRO A 499 19.45 12.74 -3.75
N GLY A 500 19.42 14.07 -3.87
CA GLY A 500 20.56 14.87 -3.46
C GLY A 500 20.77 16.09 -4.33
N THR A 501 21.72 16.94 -3.93
CA THR A 501 21.95 18.20 -4.64
C THR A 501 22.62 17.93 -6.00
N ILE A 502 22.75 19.00 -6.78
CA ILE A 502 23.39 18.90 -8.09
C ILE A 502 24.79 18.37 -7.96
N LYS A 503 25.56 18.87 -6.99
CA LYS A 503 26.90 18.32 -6.74
C LYS A 503 26.84 16.81 -6.50
N GLU A 504 25.76 16.33 -5.87
CA GLU A 504 25.66 14.91 -5.60
C GLU A 504 25.38 14.12 -6.87
N ASN A 505 24.30 14.44 -7.58
CA ASN A 505 23.96 13.70 -8.79
C ASN A 505 25.00 13.91 -9.90
N ILE A 506 25.92 14.87 -9.73
CA ILE A 506 26.96 15.05 -10.73
C ILE A 506 28.32 14.68 -10.16
N ILE A 507 28.35 14.10 -8.96
CA ILE A 507 29.60 13.58 -8.41
C ILE A 507 29.50 12.07 -8.23
N PHE A 508 28.39 11.60 -7.66
CA PHE A 508 28.16 10.18 -7.38
C PHE A 508 29.24 9.60 -6.48
N GLY A 509 29.65 10.37 -5.48
CA GLY A 509 30.53 9.86 -4.44
C GLY A 509 32.00 10.15 -4.65
N VAL A 510 32.35 11.39 -4.99
CA VAL A 510 33.73 11.79 -5.23
C VAL A 510 33.89 13.26 -4.85
N SER A 511 35.13 13.72 -4.81
CA SER A 511 35.43 15.10 -4.46
C SER A 511 34.92 16.06 -5.53
N TYR A 512 35.09 17.35 -5.26
CA TYR A 512 34.62 18.42 -6.15
C TYR A 512 35.80 19.31 -6.50
N ASP A 513 36.24 19.25 -7.74
CA ASP A 513 37.35 20.08 -8.22
C ASP A 513 36.78 21.32 -8.90
N GLU A 514 37.24 22.50 -8.46
CA GLU A 514 36.67 23.75 -8.96
C GLU A 514 36.89 23.90 -10.47
N TYR A 515 38.09 23.54 -10.94
CA TYR A 515 38.34 23.59 -12.38
C TYR A 515 37.46 22.59 -13.12
N ARG A 516 37.38 21.36 -12.62
CA ARG A 516 36.54 20.35 -13.27
C ARG A 516 35.08 20.76 -13.27
N TYR A 517 34.58 21.23 -12.12
CA TYR A 517 33.17 21.63 -12.04
C TYR A 517 32.88 22.82 -12.94
N ARG A 518 33.79 23.80 -12.98
CA ARG A 518 33.58 24.97 -13.82
C ARG A 518 33.60 24.59 -15.30
N SER A 519 34.57 23.78 -15.71
CA SER A 519 34.63 23.35 -17.10
C SER A 519 33.38 22.57 -17.49
N VAL A 520 32.95 21.64 -16.63
CA VAL A 520 31.75 20.86 -16.93
C VAL A 520 30.53 21.76 -17.04
N ILE A 521 30.27 22.58 -16.01
CA ILE A 521 29.06 23.40 -15.98
C ILE A 521 29.03 24.35 -17.15
N LYS A 522 30.10 25.13 -17.34
CA LYS A 522 30.17 26.05 -18.47
C LYS A 522 30.18 25.30 -19.79
N ALA A 523 30.45 23.99 -19.76
CA ALA A 523 30.54 23.24 -21.00
C ALA A 523 29.25 22.47 -21.29
N CYS A 524 28.57 22.03 -20.24
CA CYS A 524 27.37 21.21 -20.38
C CYS A 524 26.10 22.01 -20.44
N GLN A 525 26.16 23.29 -20.85
CA GLN A 525 25.03 24.20 -20.71
C GLN A 525 24.48 24.14 -19.29
N LEU A 526 25.37 24.18 -18.31
CA LEU A 526 25.01 23.91 -16.92
C LEU A 526 25.44 25.02 -15.96
N GLU A 527 26.47 25.81 -16.31
CA GLU A 527 26.75 26.99 -15.51
C GLU A 527 25.53 27.89 -15.42
N GLU A 528 24.79 28.01 -16.52
CA GLU A 528 23.45 28.57 -16.43
C GLU A 528 22.55 27.70 -15.57
N ASP A 529 22.50 26.39 -15.86
CA ASP A 529 21.64 25.49 -15.10
C ASP A 529 22.00 25.47 -13.62
N ILE A 530 23.26 25.69 -13.29
CA ILE A 530 23.66 25.83 -11.89
C ILE A 530 23.12 27.16 -11.38
N SER A 531 23.61 28.27 -11.96
CA SER A 531 23.28 29.60 -11.44
C SER A 531 21.79 29.90 -11.47
N LYS A 532 21.09 29.50 -12.55
CA LYS A 532 19.68 29.82 -12.69
C LYS A 532 18.81 29.18 -11.62
N PHE A 533 19.30 28.16 -10.92
CA PHE A 533 18.48 27.46 -9.95
C PHE A 533 18.21 28.35 -8.73
N ALA A 534 17.41 27.82 -7.81
CA ALA A 534 17.00 28.56 -6.62
C ALA A 534 18.18 28.90 -5.73
N GLU A 535 18.84 27.88 -5.17
CA GLU A 535 20.06 28.13 -4.40
C GLU A 535 21.29 28.11 -5.29
N LYS A 536 21.15 27.60 -6.50
CA LYS A 536 22.11 27.72 -7.59
C LYS A 536 23.35 26.85 -7.43
N ASP A 537 23.51 26.18 -6.28
CA ASP A 537 24.65 25.28 -6.14
C ASP A 537 24.32 24.01 -5.37
N ASN A 538 23.33 24.08 -4.47
CA ASN A 538 23.04 22.97 -3.58
C ASN A 538 21.54 22.77 -3.42
N ILE A 539 20.81 22.84 -4.52
CA ILE A 539 19.37 22.63 -4.49
C ILE A 539 19.07 21.26 -3.91
N VAL A 540 18.31 21.21 -2.81
CA VAL A 540 17.95 19.95 -2.18
C VAL A 540 16.87 19.28 -3.02
N LEU A 541 17.27 18.28 -3.80
CA LEU A 541 16.38 17.74 -4.82
C LEU A 541 15.40 16.73 -4.24
N GLY A 542 14.28 16.56 -4.95
CA GLY A 542 13.38 15.47 -4.70
C GLY A 542 13.56 14.36 -5.72
N GLU A 543 12.70 13.35 -5.63
CA GLU A 543 12.82 12.20 -6.52
C GLU A 543 11.87 12.33 -7.70
N GLY A 544 12.02 11.45 -8.69
CA GLY A 544 11.21 11.44 -9.87
C GLY A 544 11.74 12.29 -11.02
N GLY A 545 12.58 13.28 -10.74
CA GLY A 545 13.16 14.07 -11.80
C GLY A 545 12.27 15.17 -12.34
N ILE A 546 11.01 15.22 -11.92
CA ILE A 546 10.07 16.21 -12.45
C ILE A 546 10.50 17.64 -12.13
N THR A 547 11.37 17.82 -11.15
CA THR A 547 11.84 19.17 -10.79
C THR A 547 12.56 19.85 -11.94
N LEU A 548 13.11 19.08 -12.88
CA LEU A 548 13.79 19.63 -14.04
C LEU A 548 13.08 19.21 -15.32
N SER A 549 13.47 19.85 -16.43
CA SER A 549 12.96 19.50 -17.73
C SER A 549 13.87 18.47 -18.40
N GLY A 550 13.63 18.24 -19.69
CA GLY A 550 14.46 17.32 -20.44
C GLY A 550 15.88 17.82 -20.63
N GLY A 551 16.04 19.11 -20.92
CA GLY A 551 17.35 19.70 -21.12
C GLY A 551 18.19 19.71 -19.86
N GLN A 552 17.61 20.12 -18.73
CA GLN A 552 18.32 20.08 -17.47
C GLN A 552 18.70 18.65 -17.09
N ARG A 553 17.79 17.70 -17.28
CA ARG A 553 18.09 16.31 -16.99
C ARG A 553 19.23 15.80 -17.87
N ALA A 554 19.22 16.11 -19.16
CA ALA A 554 20.31 15.69 -20.04
C ALA A 554 21.63 16.32 -19.63
N ARG A 555 21.62 17.60 -19.25
CA ARG A 555 22.83 18.23 -18.75
C ARG A 555 23.35 17.49 -17.52
N ILE A 556 22.44 17.13 -16.61
CA ILE A 556 22.85 16.42 -15.39
C ILE A 556 23.47 15.07 -15.75
N SER A 557 22.86 14.35 -16.69
CA SER A 557 23.37 13.05 -17.07
C SER A 557 24.73 13.14 -17.74
N LEU A 558 24.90 14.10 -18.65
CA LEU A 558 26.21 14.29 -19.27
C LEU A 558 27.25 14.70 -18.25
N ALA A 559 26.85 15.46 -17.24
CA ALA A 559 27.78 15.78 -16.15
C ALA A 559 28.22 14.53 -15.41
N ARG A 560 27.25 13.74 -14.94
CA ARG A 560 27.58 12.49 -14.26
C ARG A 560 28.44 11.59 -15.14
N ALA A 561 28.27 11.68 -16.45
CA ALA A 561 29.10 10.89 -17.37
C ALA A 561 30.53 11.39 -17.39
N VAL A 562 30.74 12.66 -17.72
CA VAL A 562 32.09 13.17 -17.93
C VAL A 562 32.75 13.60 -16.63
N TYR A 563 32.13 13.33 -15.48
CA TYR A 563 32.72 13.70 -14.20
C TYR A 563 34.16 13.19 -14.07
N LYS A 564 34.35 11.88 -14.18
CA LYS A 564 35.67 11.29 -14.02
C LYS A 564 36.15 10.67 -15.32
N ASP A 565 37.47 10.52 -15.44
CA ASP A 565 38.05 10.03 -16.68
C ASP A 565 38.13 8.51 -16.68
N ALA A 566 37.52 7.89 -17.69
CA ALA A 566 37.55 6.45 -17.86
C ALA A 566 38.00 6.16 -19.29
N ASP A 567 38.61 4.98 -19.47
CA ASP A 567 39.23 4.65 -20.75
C ASP A 567 38.23 4.50 -21.88
N LEU A 568 36.93 4.67 -21.61
CA LEU A 568 35.92 4.76 -22.64
C LEU A 568 34.73 5.52 -22.08
N TYR A 569 33.98 6.17 -22.97
CA TYR A 569 32.79 6.94 -22.57
C TYR A 569 31.65 6.54 -23.50
N LEU A 570 30.76 5.69 -23.03
CA LEU A 570 29.59 5.26 -23.81
C LEU A 570 28.45 6.23 -23.53
N LEU A 571 28.28 7.21 -24.41
CA LEU A 571 27.23 8.21 -24.29
C LEU A 571 26.14 7.85 -25.29
N ASP A 572 25.18 7.02 -24.85
CA ASP A 572 24.16 6.48 -25.73
C ASP A 572 23.15 7.58 -26.06
N SER A 573 23.58 8.50 -26.91
CA SER A 573 22.77 9.60 -27.43
C SER A 573 22.26 10.49 -26.30
N PRO A 574 23.13 10.96 -25.41
CA PRO A 574 22.68 11.96 -24.43
C PRO A 574 22.39 13.31 -25.04
N PHE A 575 22.70 13.50 -26.33
CA PHE A 575 22.38 14.73 -27.05
C PHE A 575 21.00 14.69 -27.69
N GLY A 576 20.11 13.83 -27.22
CA GLY A 576 18.81 13.70 -27.85
C GLY A 576 17.70 14.44 -27.14
N TYR A 577 18.00 15.04 -25.98
CA TYR A 577 17.04 15.86 -25.27
C TYR A 577 17.50 17.30 -25.09
N LEU A 578 18.65 17.66 -25.64
CA LEU A 578 19.11 19.04 -25.65
C LEU A 578 18.91 19.64 -27.03
N ASP A 579 18.63 20.94 -27.09
CA ASP A 579 18.36 21.60 -28.35
C ASP A 579 19.55 21.44 -29.31
N VAL A 580 19.26 21.65 -30.60
CA VAL A 580 20.28 21.49 -31.64
C VAL A 580 21.43 22.47 -31.44
N LEU A 581 21.10 23.74 -31.18
CA LEU A 581 22.14 24.72 -30.85
C LEU A 581 22.82 24.36 -29.53
N THR A 582 22.05 23.89 -28.55
CA THR A 582 22.65 23.40 -27.31
C THR A 582 23.51 22.17 -27.56
N GLU A 583 23.10 21.30 -28.49
CA GLU A 583 23.91 20.14 -28.84
C GLU A 583 25.25 20.57 -29.45
N LYS A 584 25.21 21.55 -30.35
CA LYS A 584 26.46 22.06 -30.94
C LYS A 584 27.32 22.72 -29.86
N GLU A 585 26.69 23.44 -28.93
CA GLU A 585 27.42 24.05 -27.83
C GLU A 585 28.16 23.01 -27.01
N ILE A 586 27.43 21.98 -26.55
CA ILE A 586 28.05 20.94 -25.74
C ILE A 586 29.13 20.19 -26.52
N PHE A 587 28.88 19.91 -27.81
CA PHE A 587 29.88 19.24 -28.63
C PHE A 587 31.16 20.07 -28.73
N GLU A 588 31.02 21.36 -28.98
CA GLU A 588 32.19 22.23 -29.03
C GLU A 588 32.81 22.44 -27.65
N SER A 589 32.07 22.14 -26.59
CA SER A 589 32.50 22.43 -25.22
C SER A 589 33.20 21.28 -24.52
N CYS A 590 32.55 20.12 -24.40
CA CYS A 590 33.13 18.97 -23.71
C CYS A 590 32.99 17.68 -24.50
N VAL A 591 31.86 17.49 -25.20
CA VAL A 591 31.62 16.25 -25.93
C VAL A 591 32.72 16.00 -26.95
N CYS A 592 32.89 16.92 -27.91
CA CYS A 592 33.91 16.81 -28.94
C CYS A 592 35.11 17.71 -28.67
N LYS A 593 35.24 18.23 -27.44
CA LYS A 593 36.33 19.14 -27.13
C LYS A 593 37.26 18.59 -26.05
N LEU A 594 36.69 18.19 -24.90
CA LEU A 594 37.51 17.88 -23.75
C LEU A 594 37.68 16.37 -23.55
N MET A 595 36.65 15.60 -23.89
CA MET A 595 36.73 14.14 -23.82
C MET A 595 36.95 13.54 -25.19
N ALA A 596 37.25 14.39 -26.19
CA ALA A 596 37.57 13.90 -27.52
C ALA A 596 39.07 13.66 -27.69
N ASN A 597 39.90 14.42 -26.96
CA ASN A 597 41.33 14.16 -26.95
C ASN A 597 41.68 12.80 -26.36
N LYS A 598 40.77 12.22 -25.57
CA LYS A 598 40.88 10.85 -25.11
C LYS A 598 39.91 9.98 -25.91
N THR A 599 39.93 8.68 -25.63
CA THR A 599 39.05 7.76 -26.34
C THR A 599 37.61 8.06 -26.01
N ARG A 600 36.72 7.83 -26.98
CA ARG A 600 35.29 7.98 -26.80
C ARG A 600 34.55 7.22 -27.89
N ILE A 601 33.46 6.56 -27.50
CA ILE A 601 32.60 5.87 -28.45
C ILE A 601 31.15 6.23 -28.18
N LEU A 602 30.64 7.24 -28.88
CA LEU A 602 29.25 7.66 -28.72
C LEU A 602 28.33 6.77 -29.55
N VAL A 603 27.03 6.99 -29.39
CA VAL A 603 26.02 6.40 -30.27
C VAL A 603 25.03 7.52 -30.62
N THR A 604 25.23 8.13 -31.79
CA THR A 604 24.45 9.29 -32.19
C THR A 604 24.00 9.14 -33.63
N SER A 605 22.78 9.61 -33.92
CA SER A 605 22.24 9.63 -35.27
C SER A 605 22.24 11.02 -35.89
N LYS A 606 23.25 11.83 -35.62
CA LYS A 606 23.27 13.21 -36.10
C LYS A 606 23.91 13.29 -37.47
N MET A 607 23.37 14.15 -38.33
CA MET A 607 23.94 14.34 -39.66
C MET A 607 25.21 15.18 -39.61
N GLU A 608 25.34 16.06 -38.61
CA GLU A 608 26.51 16.93 -38.51
C GLU A 608 27.59 16.33 -37.62
N HIS A 609 27.19 15.62 -36.56
CA HIS A 609 28.16 15.05 -35.63
C HIS A 609 28.89 13.85 -36.25
N LEU A 610 28.15 12.96 -36.91
CA LEU A 610 28.75 11.77 -37.49
C LEU A 610 29.79 12.09 -38.56
N LYS A 611 29.80 13.32 -39.07
CA LYS A 611 30.77 13.70 -40.08
C LYS A 611 32.19 13.73 -39.52
N LYS A 612 32.36 14.19 -38.29
CA LYS A 612 33.67 14.49 -37.73
C LYS A 612 34.28 13.37 -36.90
N ALA A 613 33.67 12.18 -36.89
CA ALA A 613 34.19 11.09 -36.09
C ALA A 613 35.16 10.24 -36.89
N ASP A 614 36.22 9.78 -36.22
CA ASP A 614 37.28 9.04 -36.90
C ASP A 614 36.81 7.68 -37.39
N LYS A 615 35.68 7.18 -36.91
CA LYS A 615 35.05 5.99 -37.49
C LYS A 615 33.55 6.16 -37.47
N ILE A 616 32.87 5.45 -38.37
CA ILE A 616 31.41 5.50 -38.45
C ILE A 616 30.90 4.09 -38.70
N LEU A 617 29.80 3.75 -38.02
CA LEU A 617 29.18 2.43 -38.19
C LEU A 617 27.66 2.62 -38.23
N ILE A 618 27.09 2.52 -39.43
CA ILE A 618 25.66 2.74 -39.63
C ILE A 618 24.99 1.40 -39.90
N LEU A 619 23.91 1.13 -39.18
CA LEU A 619 23.27 -0.19 -39.18
C LEU A 619 21.79 -0.10 -39.50
N HIS A 620 21.32 -1.10 -40.24
CA HIS A 620 19.91 -1.28 -40.56
C HIS A 620 19.65 -2.78 -40.68
N GLU A 621 18.40 -3.18 -40.49
CA GLU A 621 18.01 -4.60 -40.59
C GLU A 621 18.83 -5.48 -39.65
N GLY A 622 19.31 -4.90 -38.54
CA GLY A 622 20.11 -5.62 -37.58
C GLY A 622 21.56 -5.81 -37.94
N SER A 623 22.01 -5.36 -39.10
CA SER A 623 23.40 -5.50 -39.51
C SER A 623 23.92 -4.17 -40.04
N SER A 624 25.23 -4.02 -40.06
CA SER A 624 25.81 -2.78 -40.58
C SER A 624 25.57 -2.72 -42.08
N TYR A 625 25.00 -1.60 -42.55
CA TYR A 625 24.87 -1.40 -43.99
C TYR A 625 26.23 -1.14 -44.62
N PHE A 626 27.07 -0.37 -43.94
CA PHE A 626 28.46 -0.18 -44.30
C PHE A 626 29.16 0.49 -43.14
N TYR A 627 30.49 0.46 -43.16
CA TYR A 627 31.30 1.06 -42.10
C TYR A 627 32.76 0.99 -42.52
N GLY A 628 33.60 1.63 -41.71
CA GLY A 628 35.02 1.67 -41.97
C GLY A 628 35.67 2.91 -41.39
N THR A 629 36.59 3.51 -42.14
CA THR A 629 37.12 4.81 -41.75
C THR A 629 36.17 5.92 -42.21
N PHE A 630 36.36 7.11 -41.62
CA PHE A 630 35.45 8.21 -41.89
C PHE A 630 35.38 8.54 -43.38
N SER A 631 36.53 8.76 -44.00
CA SER A 631 36.55 9.11 -45.43
C SER A 631 36.06 7.95 -46.28
N GLU A 632 36.49 6.73 -45.97
CA GLU A 632 36.07 5.57 -46.76
C GLU A 632 34.57 5.33 -46.63
N LEU A 633 34.04 5.45 -45.41
CA LEU A 633 32.60 5.30 -45.22
C LEU A 633 31.83 6.39 -45.95
N GLN A 634 32.33 7.63 -45.90
CA GLN A 634 31.64 8.75 -46.54
C GLN A 634 31.75 8.75 -48.06
N ASN A 635 32.36 7.71 -48.65
CA ASN A 635 32.54 7.64 -50.09
C ASN A 635 32.15 6.30 -50.69
N LEU A 636 32.08 5.24 -49.88
CA LEU A 636 31.87 3.90 -50.42
C LEU A 636 30.48 3.70 -50.99
N GLN A 637 29.55 4.62 -50.75
CA GLN A 637 28.18 4.53 -51.29
C GLN A 637 27.62 5.94 -51.40
N PRO A 638 27.98 6.67 -52.45
CA PRO A 638 27.55 8.07 -52.55
C PRO A 638 26.03 8.24 -52.56
N ASP A 639 25.30 7.35 -53.22
CA ASP A 639 23.84 7.45 -53.20
C ASP A 639 23.30 7.19 -51.80
N PHE A 640 23.79 6.14 -51.14
CA PHE A 640 23.34 5.85 -49.78
C PHE A 640 23.83 6.91 -48.79
N SER A 641 25.04 7.42 -49.00
CA SER A 641 25.56 8.45 -48.10
C SER A 641 24.78 9.75 -48.24
N SER A 642 24.29 10.06 -49.44
CA SER A 642 23.46 11.24 -49.60
C SER A 642 22.04 10.99 -49.11
N LYS A 643 21.56 9.75 -49.21
CA LYS A 643 20.19 9.46 -48.79
C LYS A 643 20.06 9.42 -47.27
N LEU A 644 21.03 8.82 -46.57
CA LEU A 644 20.89 8.61 -45.14
C LEU A 644 20.86 9.91 -44.34
N MET A 645 21.59 10.93 -44.77
CA MET A 645 21.63 12.20 -44.06
C MET A 645 21.35 13.37 -45.00
N THR A 844 -9.97 9.80 16.41
CA THR A 844 -10.47 9.00 17.52
C THR A 844 -11.09 9.88 18.59
N THR A 845 -12.37 10.21 18.44
CA THR A 845 -13.11 10.97 19.42
C THR A 845 -14.43 10.26 19.69
N TRP A 846 -15.10 10.69 20.76
CA TRP A 846 -16.41 10.13 21.07
C TRP A 846 -17.48 10.67 20.14
N ASN A 847 -17.22 11.79 19.47
CA ASN A 847 -18.02 12.18 18.33
C ASN A 847 -18.05 11.07 17.29
N THR A 848 -16.87 10.53 16.96
CA THR A 848 -16.81 9.45 15.98
C THR A 848 -17.56 8.22 16.45
N TYR A 849 -17.34 7.82 17.71
CA TYR A 849 -18.05 6.67 18.25
C TYR A 849 -19.56 6.86 18.15
N LEU A 850 -20.09 7.95 18.73
CA LEU A 850 -21.54 8.14 18.72
C LEU A 850 -22.07 8.22 17.30
N ARG A 851 -21.35 8.92 16.40
CA ARG A 851 -21.79 9.03 15.02
C ARG A 851 -21.89 7.66 14.37
N TYR A 852 -20.86 6.83 14.53
CA TYR A 852 -20.86 5.49 13.96
C TYR A 852 -22.00 4.66 14.54
N ILE A 853 -22.14 4.65 15.86
CA ILE A 853 -23.14 3.81 16.51
C ILE A 853 -24.55 4.26 16.13
N THR A 854 -24.72 5.53 15.75
CA THR A 854 -26.05 6.03 15.42
C THR A 854 -26.21 6.38 13.95
N VAL A 855 -25.35 5.84 13.07
CA VAL A 855 -25.69 5.88 11.64
C VAL A 855 -26.87 4.97 11.32
N HIS A 856 -27.29 4.13 12.26
CA HIS A 856 -28.16 3.00 11.95
C HIS A 856 -29.07 2.75 13.15
N LYS A 857 -30.35 3.06 13.01
CA LYS A 857 -31.28 2.97 14.12
C LYS A 857 -31.60 1.53 14.53
N SER A 858 -30.98 0.54 13.89
CA SER A 858 -31.14 -0.84 14.35
C SER A 858 -30.01 -1.26 15.27
N LEU A 859 -28.86 -0.56 15.20
CA LEU A 859 -27.75 -0.88 16.10
C LEU A 859 -28.12 -0.58 17.55
N ILE A 860 -28.83 0.53 17.78
CA ILE A 860 -29.35 0.81 19.12
C ILE A 860 -30.15 -0.36 19.64
N PHE A 861 -31.06 -0.89 18.81
CA PHE A 861 -31.91 -1.99 19.23
C PHE A 861 -31.09 -3.24 19.52
N VAL A 862 -30.12 -3.56 18.65
CA VAL A 862 -29.33 -4.76 18.85
C VAL A 862 -28.52 -4.66 20.14
N LEU A 863 -27.89 -3.51 20.39
CA LEU A 863 -27.12 -3.35 21.61
C LEU A 863 -28.01 -3.40 22.85
N ILE A 864 -29.18 -2.76 22.80
CA ILE A 864 -30.08 -2.78 23.94
C ILE A 864 -30.53 -4.21 24.24
N TRP A 865 -30.88 -4.97 23.21
CA TRP A 865 -31.30 -6.35 23.41
C TRP A 865 -30.16 -7.18 23.99
N CYS A 866 -28.96 -7.05 23.42
CA CYS A 866 -27.82 -7.83 23.88
C CYS A 866 -27.46 -7.50 25.33
N LEU A 867 -27.61 -6.24 25.73
CA LEU A 867 -27.27 -5.87 27.09
C LEU A 867 -28.37 -6.25 28.08
N VAL A 868 -29.64 -6.15 27.67
CA VAL A 868 -30.72 -6.53 28.57
C VAL A 868 -30.67 -8.03 28.84
N ILE A 869 -30.39 -8.83 27.81
CA ILE A 869 -30.29 -10.27 28.04
C ILE A 869 -29.13 -10.58 28.96
N PHE A 870 -27.97 -9.94 28.75
CA PHE A 870 -26.83 -10.13 29.65
C PHE A 870 -27.19 -9.79 31.09
N LEU A 871 -27.84 -8.65 31.29
CA LEU A 871 -28.19 -8.22 32.65
C LEU A 871 -29.14 -9.20 33.30
N ALA A 872 -30.19 -9.60 32.58
CA ALA A 872 -31.17 -10.52 33.15
C ALA A 872 -30.55 -11.88 33.40
N GLU A 873 -29.59 -12.30 32.58
CA GLU A 873 -28.94 -13.58 32.81
C GLU A 873 -28.01 -13.53 34.01
N VAL A 874 -27.30 -12.42 34.19
CA VAL A 874 -26.50 -12.24 35.40
C VAL A 874 -27.40 -12.29 36.63
N ALA A 875 -28.54 -11.61 36.57
CA ALA A 875 -29.46 -11.61 37.70
C ALA A 875 -30.01 -13.01 37.98
N ALA A 876 -30.35 -13.75 36.93
CA ALA A 876 -30.88 -15.10 37.12
C ALA A 876 -29.83 -16.03 37.72
N SER A 877 -28.61 -16.02 37.17
CA SER A 877 -27.57 -16.86 37.73
C SER A 877 -27.24 -16.46 39.16
N LEU A 878 -27.29 -15.17 39.48
CA LEU A 878 -27.03 -14.72 40.83
C LEU A 878 -28.12 -15.14 41.81
N VAL A 879 -29.39 -15.07 41.39
CA VAL A 879 -30.46 -15.48 42.29
C VAL A 879 -30.42 -16.99 42.51
N VAL A 880 -30.13 -17.77 41.46
CA VAL A 880 -30.06 -19.21 41.68
C VAL A 880 -28.85 -19.56 42.54
N LEU A 881 -27.74 -18.83 42.37
CA LEU A 881 -26.57 -19.05 43.22
C LEU A 881 -26.89 -18.78 44.68
N TRP A 882 -27.57 -17.67 44.96
CA TRP A 882 -27.95 -17.38 46.34
C TRP A 882 -28.91 -18.45 46.88
N LEU A 883 -29.89 -18.84 46.06
CA LEU A 883 -30.89 -19.81 46.51
C LEU A 883 -30.24 -21.15 46.86
N LEU A 884 -29.35 -21.64 46.00
CA LEU A 884 -28.66 -22.89 46.29
C LEU A 884 -27.58 -22.71 47.34
N GLY A 885 -27.00 -21.51 47.43
CA GLY A 885 -26.04 -21.21 48.48
C GLY A 885 -26.65 -20.97 49.85
N ASN A 886 -27.94 -20.64 49.89
CA ASN A 886 -28.64 -20.42 51.15
C ASN A 886 -30.15 -20.54 50.96
N THR A 910 -30.82 -36.04 42.35
CA THR A 910 -30.48 -34.96 43.27
C THR A 910 -29.12 -34.36 42.93
N SER A 911 -28.23 -35.21 42.39
CA SER A 911 -26.88 -34.75 42.08
C SER A 911 -26.87 -33.57 41.11
N SER A 912 -27.94 -33.41 40.32
CA SER A 912 -28.01 -32.26 39.42
C SER A 912 -27.97 -30.94 40.18
N TYR A 913 -28.46 -30.92 41.42
CA TYR A 913 -28.27 -29.76 42.29
C TYR A 913 -26.81 -29.30 42.27
N TYR A 914 -25.90 -30.20 42.66
CA TYR A 914 -24.51 -29.82 42.84
C TYR A 914 -23.75 -29.87 41.52
N VAL A 915 -24.34 -30.44 40.47
CA VAL A 915 -23.70 -30.43 39.16
C VAL A 915 -24.16 -29.24 38.33
N PHE A 916 -25.12 -28.46 38.83
CA PHE A 916 -25.36 -27.14 38.28
C PHE A 916 -24.09 -26.29 38.31
N TYR A 917 -23.27 -26.44 39.35
CA TYR A 917 -22.08 -25.62 39.55
C TYR A 917 -21.16 -25.57 38.32
N ILE A 918 -21.25 -26.53 37.42
CA ILE A 918 -20.29 -26.59 36.33
C ILE A 918 -20.58 -25.51 35.30
N TYR A 919 -21.77 -24.91 35.38
CA TYR A 919 -22.14 -23.87 34.42
C TYR A 919 -21.63 -22.51 34.86
N VAL A 920 -21.99 -22.06 36.07
CA VAL A 920 -21.48 -20.79 36.58
C VAL A 920 -19.98 -20.90 36.87
N GLY A 921 -19.53 -22.06 37.36
CA GLY A 921 -18.13 -22.27 37.69
C GLY A 921 -17.17 -22.06 36.54
N VAL A 922 -17.68 -21.89 35.33
CA VAL A 922 -16.88 -21.47 34.19
C VAL A 922 -17.46 -20.15 33.72
N ALA A 923 -16.60 -19.13 33.66
CA ALA A 923 -17.08 -17.79 33.32
C ALA A 923 -17.57 -17.71 31.88
N ASP A 924 -16.84 -18.34 30.95
CA ASP A 924 -17.07 -18.19 29.53
C ASP A 924 -18.50 -18.54 29.12
N THR A 925 -18.90 -19.80 29.31
CA THR A 925 -20.17 -20.25 28.78
C THR A 925 -21.35 -19.56 29.45
N LEU A 926 -21.15 -18.95 30.61
CA LEU A 926 -22.23 -18.23 31.28
C LEU A 926 -22.73 -17.09 30.42
N LEU A 927 -21.81 -16.29 29.86
CA LEU A 927 -22.18 -15.06 29.17
C LEU A 927 -21.69 -15.05 27.72
N ALA A 928 -21.46 -16.21 27.13
CA ALA A 928 -21.01 -16.26 25.75
C ALA A 928 -22.17 -15.99 24.81
N MET A 929 -21.89 -15.24 23.74
CA MET A 929 -22.93 -14.80 22.81
C MET A 929 -23.67 -15.98 22.20
N GLY A 930 -24.94 -16.14 22.55
CA GLY A 930 -25.76 -17.17 21.95
C GLY A 930 -26.01 -16.91 20.48
N PHE A 931 -26.37 -17.99 19.78
CA PHE A 931 -26.63 -17.88 18.35
C PHE A 931 -27.83 -17.00 18.02
N PHE A 932 -28.70 -16.72 18.99
CA PHE A 932 -29.81 -15.80 18.78
C PHE A 932 -29.48 -14.37 19.16
N ARG A 933 -28.25 -14.09 19.58
CA ARG A 933 -27.87 -12.72 19.92
C ARG A 933 -26.55 -12.25 19.33
N GLY A 934 -25.65 -13.14 18.92
CA GLY A 934 -24.37 -12.71 18.39
C GLY A 934 -24.37 -12.50 16.89
N LEU A 935 -25.31 -13.11 16.19
CA LEU A 935 -25.43 -13.01 14.75
C LEU A 935 -25.96 -11.64 14.31
N PRO A 936 -27.11 -11.18 14.81
CA PRO A 936 -27.67 -9.92 14.30
C PRO A 936 -26.74 -8.74 14.44
N LEU A 937 -25.88 -8.74 15.47
CA LEU A 937 -24.89 -7.67 15.58
C LEU A 937 -23.91 -7.70 14.42
N VAL A 938 -23.43 -8.89 14.05
CA VAL A 938 -22.50 -9.01 12.93
C VAL A 938 -23.20 -8.61 11.62
N HIS A 939 -24.47 -8.97 11.47
CA HIS A 939 -25.21 -8.57 10.28
C HIS A 939 -25.39 -7.05 10.24
N THR A 940 -25.70 -6.45 11.39
CA THR A 940 -25.95 -5.02 11.46
C THR A 940 -24.69 -4.22 11.14
N LEU A 941 -23.54 -4.66 11.65
CA LEU A 941 -22.30 -3.96 11.32
C LEU A 941 -22.04 -3.94 9.82
N ILE A 942 -22.27 -5.06 9.14
CA ILE A 942 -22.07 -5.10 7.69
C ILE A 942 -23.04 -4.17 6.98
N THR A 943 -24.31 -4.13 7.43
CA THR A 943 -25.22 -3.17 6.83
C THR A 943 -24.76 -1.73 7.06
N VAL A 944 -24.17 -1.46 8.22
CA VAL A 944 -23.59 -0.14 8.48
C VAL A 944 -22.47 0.16 7.49
N SER A 945 -21.65 -0.84 7.20
CA SER A 945 -20.59 -0.66 6.22
C SER A 945 -21.17 -0.32 4.85
N LYS A 946 -22.25 -1.01 4.44
CA LYS A 946 -22.89 -0.67 3.18
C LYS A 946 -23.36 0.78 3.16
N ILE A 947 -24.07 1.19 4.22
CA ILE A 947 -24.61 2.54 4.26
C ILE A 947 -23.49 3.56 4.15
N LEU A 948 -22.41 3.36 4.92
CA LEU A 948 -21.31 4.31 4.89
C LEU A 948 -20.66 4.36 3.52
N HIS A 949 -20.44 3.21 2.89
CA HIS A 949 -19.85 3.20 1.56
C HIS A 949 -20.72 3.95 0.57
N HIS A 950 -22.03 3.70 0.58
CA HIS A 950 -22.91 4.33 -0.38
C HIS A 950 -22.94 5.85 -0.19
N LYS A 951 -23.00 6.30 1.07
CA LYS A 951 -23.04 7.74 1.28
C LYS A 951 -21.69 8.40 0.98
N MET A 952 -20.58 7.71 1.22
CA MET A 952 -19.29 8.28 0.80
C MET A 952 -19.23 8.43 -0.71
N LEU A 953 -19.65 7.40 -1.44
CA LEU A 953 -19.73 7.51 -2.90
C LEU A 953 -20.60 8.70 -3.31
N HIS A 954 -21.80 8.82 -2.72
CA HIS A 954 -22.67 9.93 -3.05
C HIS A 954 -22.02 11.28 -2.75
N SER A 955 -21.15 11.33 -1.73
CA SER A 955 -20.57 12.61 -1.34
C SER A 955 -19.21 12.83 -1.96
N VAL A 956 -18.76 11.90 -2.82
CA VAL A 956 -17.55 12.18 -3.59
C VAL A 956 -17.91 12.42 -5.04
N LEU A 957 -19.19 12.29 -5.39
CA LEU A 957 -19.67 12.65 -6.73
C LEU A 957 -20.24 14.06 -6.78
N GLN A 958 -20.18 14.81 -5.69
CA GLN A 958 -20.72 16.15 -5.65
C GLN A 958 -19.83 17.14 -4.93
N ALA A 959 -18.61 16.77 -4.58
CA ALA A 959 -17.67 17.72 -4.01
C ALA A 959 -17.33 18.77 -5.06
N PRO A 960 -17.29 20.05 -4.71
CA PRO A 960 -16.93 21.06 -5.70
C PRO A 960 -15.52 20.82 -6.22
N MET A 961 -15.32 21.06 -7.51
CA MET A 961 -14.11 20.58 -8.16
C MET A 961 -12.89 21.40 -7.76
N SER A 962 -13.10 22.54 -7.12
CA SER A 962 -11.97 23.29 -6.57
C SER A 962 -11.53 22.72 -5.23
N THR A 963 -12.27 21.73 -4.71
CA THR A 963 -11.85 21.04 -3.49
C THR A 963 -11.16 19.72 -3.83
N LEU A 964 -11.81 18.90 -4.66
CA LEU A 964 -11.22 17.63 -5.08
C LEU A 964 -9.82 17.82 -5.66
N ASN A 965 -9.58 18.94 -6.35
CA ASN A 965 -8.26 19.21 -6.91
C ASN A 965 -7.15 19.07 -5.86
N THR A 966 -7.40 19.51 -4.63
CA THR A 966 -6.40 19.36 -3.58
C THR A 966 -6.09 17.90 -3.29
N LEU A 967 -7.12 17.05 -3.27
CA LEU A 967 -6.93 15.61 -3.04
C LEU A 967 -6.30 15.00 -4.29
N LYS A 968 -5.01 14.72 -4.22
CA LYS A 968 -4.32 14.08 -5.34
C LYS A 968 -4.98 12.75 -5.67
N ALA A 969 -5.01 12.43 -6.96
CA ALA A 969 -5.87 11.35 -7.46
C ALA A 969 -5.56 10.01 -6.80
N GLY A 970 -4.30 9.74 -6.51
CA GLY A 970 -3.96 8.52 -5.80
C GLY A 970 -4.46 8.45 -4.36
N GLY A 971 -4.88 9.58 -3.80
CA GLY A 971 -5.34 9.65 -2.43
C GLY A 971 -6.84 9.64 -2.23
N ILE A 972 -7.62 9.19 -3.20
CA ILE A 972 -9.05 9.01 -3.04
C ILE A 972 -9.46 7.55 -3.24
N LEU A 973 -8.88 6.88 -4.24
CA LEU A 973 -9.13 5.46 -4.41
C LEU A 973 -8.78 4.67 -3.16
N ASN A 974 -7.68 5.05 -2.49
CA ASN A 974 -7.28 4.38 -1.27
C ASN A 974 -8.26 4.63 -0.11
N ARG A 975 -9.19 5.56 -0.27
CA ARG A 975 -10.30 5.70 0.67
C ARG A 975 -11.48 4.83 0.28
N PHE A 976 -11.36 4.04 -0.78
CA PHE A 976 -12.33 3.03 -1.18
C PHE A 976 -11.80 1.61 -1.07
N SER A 977 -10.64 1.34 -1.65
CA SER A 977 -10.12 -0.02 -1.69
C SER A 977 -9.45 -0.43 -0.39
N LYS A 978 -9.28 0.48 0.57
CA LYS A 978 -8.65 0.14 1.83
C LYS A 978 -9.59 0.26 3.02
N ASP A 979 -10.15 1.44 3.26
CA ASP A 979 -11.03 1.62 4.41
C ASP A 979 -12.28 0.76 4.32
N ILE A 980 -13.00 0.82 3.20
CA ILE A 980 -14.24 0.06 3.08
C ILE A 980 -13.98 -1.44 3.21
N ALA A 981 -12.83 -1.92 2.73
CA ALA A 981 -12.48 -3.32 2.95
C ALA A 981 -12.35 -3.63 4.43
N ILE A 982 -11.70 -2.73 5.18
CA ILE A 982 -11.61 -2.89 6.63
C ILE A 982 -13.00 -2.90 7.25
N LEU A 983 -13.83 -1.94 6.87
CA LEU A 983 -15.16 -1.79 7.46
C LEU A 983 -16.05 -2.98 7.15
N ASP A 984 -15.77 -3.69 6.06
CA ASP A 984 -16.49 -4.92 5.78
C ASP A 984 -15.93 -6.08 6.60
N ASP A 985 -14.64 -6.39 6.44
CA ASP A 985 -14.06 -7.60 6.99
C ASP A 985 -13.66 -7.46 8.45
N LEU A 986 -12.74 -6.54 8.75
CA LEU A 986 -12.05 -6.56 10.03
C LEU A 986 -12.91 -6.02 11.16
N LEU A 987 -13.36 -4.77 11.03
CA LEU A 987 -13.94 -4.06 12.16
C LEU A 987 -15.16 -4.76 12.78
N PRO A 988 -16.11 -5.30 12.02
CA PRO A 988 -17.25 -5.97 12.68
C PRO A 988 -16.84 -7.08 13.63
N LEU A 989 -15.94 -7.96 13.19
CA LEU A 989 -15.49 -9.03 14.07
C LEU A 989 -14.77 -8.48 15.30
N THR A 990 -13.92 -7.48 15.12
CA THR A 990 -13.19 -6.93 16.25
C THR A 990 -14.14 -6.30 17.27
N ILE A 991 -15.15 -5.58 16.81
CA ILE A 991 -16.10 -5.00 17.75
C ILE A 991 -16.90 -6.11 18.43
N PHE A 992 -17.25 -7.15 17.70
CA PHE A 992 -17.97 -8.26 18.31
C PHE A 992 -17.15 -8.91 19.41
N ASP A 993 -15.87 -9.16 19.14
CA ASP A 993 -15.00 -9.78 20.13
C ASP A 993 -14.80 -8.86 21.33
N PHE A 994 -14.64 -7.56 21.09
CA PHE A 994 -14.50 -6.62 22.19
C PHE A 994 -15.72 -6.62 23.09
N ILE A 995 -16.92 -6.58 22.50
CA ILE A 995 -18.14 -6.58 23.30
C ILE A 995 -18.24 -7.89 24.08
N GLN A 996 -17.94 -9.01 23.43
CA GLN A 996 -18.06 -10.30 24.09
C GLN A 996 -17.12 -10.40 25.28
N LEU A 997 -15.86 -9.98 25.09
CA LEU A 997 -14.87 -10.12 26.15
C LEU A 997 -15.13 -9.15 27.29
N LEU A 998 -15.46 -7.90 26.97
CA LEU A 998 -15.77 -6.94 28.03
C LEU A 998 -17.00 -7.38 28.81
N LEU A 999 -18.02 -7.89 28.12
CA LEU A 999 -19.20 -8.41 28.82
C LEU A 999 -18.83 -9.55 29.74
N ILE A 1000 -18.02 -10.50 29.26
CA ILE A 1000 -17.60 -11.62 30.11
C ILE A 1000 -16.91 -11.10 31.35
N VAL A 1001 -15.94 -10.20 31.18
CA VAL A 1001 -15.16 -9.72 32.32
C VAL A 1001 -16.05 -8.99 33.31
N ILE A 1002 -16.89 -8.08 32.84
CA ILE A 1002 -17.71 -7.31 33.77
C ILE A 1002 -18.71 -8.22 34.48
N GLY A 1003 -19.32 -9.17 33.77
CA GLY A 1003 -20.23 -10.09 34.43
C GLY A 1003 -19.57 -10.94 35.48
N ALA A 1004 -18.41 -11.50 35.17
CA ALA A 1004 -17.70 -12.32 36.15
C ALA A 1004 -17.29 -11.48 37.35
N ILE A 1005 -16.89 -10.21 37.13
CA ILE A 1005 -16.52 -9.37 38.25
C ILE A 1005 -17.75 -9.03 39.10
N ALA A 1006 -18.91 -8.85 38.48
CA ALA A 1006 -20.13 -8.65 39.25
C ALA A 1006 -20.45 -9.87 40.10
N VAL A 1007 -20.35 -11.06 39.50
CA VAL A 1007 -20.61 -12.29 40.24
C VAL A 1007 -19.66 -12.42 41.41
N VAL A 1008 -18.38 -12.10 41.20
CA VAL A 1008 -17.41 -12.17 42.28
C VAL A 1008 -17.73 -11.13 43.35
N ALA A 1009 -18.25 -9.97 42.94
CA ALA A 1009 -18.56 -8.91 43.89
C ALA A 1009 -19.72 -9.28 44.81
N VAL A 1010 -20.82 -9.78 44.25
CA VAL A 1010 -22.01 -9.99 45.06
C VAL A 1010 -21.78 -11.03 46.15
N LEU A 1011 -20.85 -11.96 45.95
CA LEU A 1011 -20.64 -13.03 46.93
C LEU A 1011 -20.18 -12.49 48.28
N GLN A 1012 -19.33 -11.47 48.30
CA GLN A 1012 -19.14 -10.69 49.51
C GLN A 1012 -18.72 -9.28 49.14
N PRO A 1013 -19.26 -8.26 49.80
CA PRO A 1013 -19.10 -6.89 49.31
C PRO A 1013 -17.84 -6.18 49.79
N TYR A 1014 -16.69 -6.84 49.73
CA TYR A 1014 -15.40 -6.16 49.84
C TYR A 1014 -14.59 -6.22 48.56
N ILE A 1015 -14.94 -7.13 47.65
CA ILE A 1015 -14.27 -7.18 46.35
C ILE A 1015 -14.56 -5.92 45.55
N PHE A 1016 -15.72 -5.31 45.78
CA PHE A 1016 -16.13 -4.17 44.97
C PHE A 1016 -15.25 -2.94 45.23
N VAL A 1017 -15.03 -2.62 46.50
CA VAL A 1017 -14.31 -1.40 46.85
C VAL A 1017 -12.81 -1.55 46.66
N ALA A 1018 -12.32 -2.77 46.47
CA ALA A 1018 -10.97 -2.99 46.00
C ALA A 1018 -10.87 -3.06 44.48
N THR A 1019 -11.95 -3.48 43.81
CA THR A 1019 -11.95 -3.60 42.36
C THR A 1019 -12.11 -2.24 41.69
N VAL A 1020 -12.72 -1.28 42.39
CA VAL A 1020 -12.85 0.06 41.81
C VAL A 1020 -11.49 0.73 41.60
N PRO A 1021 -10.59 0.78 42.59
CA PRO A 1021 -9.27 1.39 42.34
C PRO A 1021 -8.30 0.46 41.62
N VAL A 1022 -8.79 -0.65 41.07
CA VAL A 1022 -8.01 -1.47 40.15
C VAL A 1022 -8.46 -1.28 38.71
N ILE A 1023 -9.78 -1.21 38.49
CA ILE A 1023 -10.30 -0.86 37.18
C ILE A 1023 -9.92 0.57 36.81
N VAL A 1024 -9.97 1.48 37.80
CA VAL A 1024 -9.49 2.84 37.55
C VAL A 1024 -8.03 2.82 37.12
N ALA A 1025 -7.22 1.97 37.75
CA ALA A 1025 -5.80 1.89 37.40
C ALA A 1025 -5.62 1.34 36.00
N PHE A 1026 -6.36 0.29 35.64
CA PHE A 1026 -6.29 -0.24 34.27
C PHE A 1026 -6.60 0.85 33.25
N ILE A 1027 -7.71 1.57 33.45
CA ILE A 1027 -8.11 2.57 32.47
C ILE A 1027 -7.09 3.71 32.41
N MET A 1028 -6.58 4.14 33.56
CA MET A 1028 -5.60 5.22 33.57
C MET A 1028 -4.33 4.80 32.85
N LEU A 1029 -3.85 3.58 33.10
CA LEU A 1029 -2.66 3.10 32.42
C LEU A 1029 -2.86 3.01 30.91
N ARG A 1030 -4.02 2.51 30.49
CA ARG A 1030 -4.31 2.40 29.07
C ARG A 1030 -4.32 3.78 28.40
N ALA A 1031 -4.93 4.76 29.07
CA ALA A 1031 -4.95 6.11 28.52
C ALA A 1031 -3.56 6.73 28.52
N TYR A 1032 -2.74 6.37 29.49
CA TYR A 1032 -1.38 6.91 29.55
C TYR A 1032 -0.49 6.29 28.49
N PHE A 1033 -0.82 5.08 28.04
CA PHE A 1033 0.05 4.39 27.11
C PHE A 1033 -0.32 4.69 25.66
N LEU A 1034 -1.63 4.70 25.36
CA LEU A 1034 -2.04 4.72 23.95
C LEU A 1034 -1.52 5.95 23.20
N GLN A 1035 -1.34 7.09 23.88
CA GLN A 1035 -0.84 8.27 23.20
C GLN A 1035 0.54 8.00 22.59
N THR A 1036 1.48 7.52 23.41
CA THR A 1036 2.81 7.22 22.93
C THR A 1036 2.79 6.09 21.91
N SER A 1037 1.97 5.06 22.16
CA SER A 1037 1.93 3.93 21.24
C SER A 1037 1.47 4.37 19.86
N GLN A 1038 0.42 5.20 19.80
CA GLN A 1038 -0.08 5.68 18.52
C GLN A 1038 0.91 6.59 17.82
N GLN A 1039 1.53 7.51 18.56
CA GLN A 1039 2.54 8.38 17.94
C GLN A 1039 3.68 7.56 17.36
N LEU A 1040 4.15 6.55 18.10
CA LEU A 1040 5.29 5.77 17.61
C LEU A 1040 4.91 4.88 16.45
N LYS A 1041 3.68 4.33 16.47
CA LYS A 1041 3.16 3.64 15.29
C LYS A 1041 3.19 4.54 14.07
N GLN A 1042 2.68 5.77 14.19
CA GLN A 1042 2.68 6.68 13.05
C GLN A 1042 4.10 6.95 12.57
N LEU A 1043 5.01 7.29 13.49
CA LEU A 1043 6.40 7.54 13.12
C LEU A 1043 7.00 6.36 12.34
N GLU A 1044 6.77 5.14 12.82
CA GLU A 1044 7.22 3.97 12.09
C GLU A 1044 6.61 3.91 10.70
N SER A 1045 5.34 4.31 10.60
CA SER A 1045 4.67 4.28 9.30
C SER A 1045 5.35 5.20 8.29
N GLU A 1046 5.65 6.44 8.66
CA GLU A 1046 6.36 7.27 7.68
C GLU A 1046 7.84 6.91 7.59
N GLY A 1047 8.35 6.14 8.55
CA GLY A 1047 9.73 5.69 8.42
C GLY A 1047 9.93 4.52 7.50
N ARG A 1048 8.86 3.80 7.18
CA ARG A 1048 8.95 2.65 6.26
C ARG A 1048 9.12 3.04 4.80
N SER A 1049 8.68 4.22 4.39
CA SER A 1049 8.66 4.63 2.98
C SER A 1049 10.04 4.78 2.34
N PRO A 1050 11.01 5.45 2.98
CA PRO A 1050 12.29 5.69 2.30
C PRO A 1050 13.02 4.42 1.90
N ILE A 1051 12.76 3.30 2.58
CA ILE A 1051 13.36 2.04 2.18
C ILE A 1051 12.95 1.68 0.75
N PHE A 1052 11.66 1.72 0.48
CA PHE A 1052 11.19 1.43 -0.87
C PHE A 1052 11.55 2.53 -1.86
N THR A 1053 11.61 3.78 -1.42
CA THR A 1053 12.13 4.83 -2.29
C THR A 1053 13.55 4.50 -2.77
N HIS A 1054 14.43 4.17 -1.82
CA HIS A 1054 15.80 3.82 -2.17
C HIS A 1054 15.86 2.59 -3.04
N LEU A 1055 14.97 1.62 -2.79
CA LEU A 1055 14.94 0.43 -3.63
C LEU A 1055 14.58 0.79 -5.07
N VAL A 1056 13.58 1.66 -5.25
CA VAL A 1056 13.19 2.07 -6.59
C VAL A 1056 14.33 2.80 -7.29
N THR A 1057 14.93 3.76 -6.59
CA THR A 1057 16.05 4.49 -7.18
C THR A 1057 17.20 3.55 -7.54
N SER A 1058 17.39 2.49 -6.75
CA SER A 1058 18.46 1.54 -7.05
C SER A 1058 18.15 0.74 -8.30
N LEU A 1059 16.92 0.21 -8.41
CA LEU A 1059 16.56 -0.57 -9.59
C LEU A 1059 16.63 0.27 -10.86
N LYS A 1060 16.08 1.49 -10.82
CA LYS A 1060 15.98 2.28 -12.05
C LYS A 1060 17.34 2.54 -12.68
N GLY A 1061 18.34 2.84 -11.86
CA GLY A 1061 19.65 3.22 -12.38
C GLY A 1061 20.69 2.13 -12.29
N LEU A 1062 20.24 0.88 -12.28
CA LEU A 1062 21.16 -0.24 -12.03
C LEU A 1062 22.30 -0.29 -13.04
N TRP A 1063 22.00 -0.14 -14.33
CA TRP A 1063 23.04 -0.23 -15.35
C TRP A 1063 24.14 0.79 -15.10
N THR A 1064 23.75 2.06 -14.93
CA THR A 1064 24.74 3.11 -14.69
C THR A 1064 25.45 2.90 -13.36
N LEU A 1065 24.72 2.46 -12.34
CA LEU A 1065 25.33 2.20 -11.04
C LEU A 1065 26.45 1.18 -11.15
N ARG A 1066 26.16 0.02 -11.75
CA ARG A 1066 27.17 -1.01 -11.92
C ARG A 1066 28.29 -0.57 -12.85
N ALA A 1067 27.98 0.21 -13.89
CA ALA A 1067 29.04 0.67 -14.78
C ALA A 1067 29.97 1.64 -14.08
N PHE A 1068 29.46 2.36 -13.08
CA PHE A 1068 30.33 3.20 -12.27
C PHE A 1068 31.18 2.39 -11.31
N GLY A 1069 30.62 1.32 -10.74
CA GLY A 1069 31.34 0.54 -9.74
C GLY A 1069 31.12 1.01 -8.33
N ARG A 1070 29.95 1.59 -8.04
CA ARG A 1070 29.67 2.24 -6.76
C ARG A 1070 28.64 1.48 -5.94
N GLN A 1071 28.66 0.15 -5.99
CA GLN A 1071 27.72 -0.63 -5.19
C GLN A 1071 27.85 -0.37 -3.69
N PRO A 1072 29.03 -0.42 -3.07
CA PRO A 1072 29.09 -0.31 -1.61
C PRO A 1072 28.50 0.97 -1.05
N TYR A 1073 28.62 2.09 -1.77
CA TYR A 1073 28.07 3.34 -1.27
C TYR A 1073 26.56 3.22 -1.06
N PHE A 1074 25.85 2.69 -2.06
CA PHE A 1074 24.42 2.49 -1.91
C PHE A 1074 24.07 1.38 -0.95
N GLU A 1075 24.91 0.35 -0.83
CA GLU A 1075 24.71 -0.62 0.24
C GLU A 1075 24.68 0.07 1.60
N THR A 1076 25.65 0.95 1.84
CA THR A 1076 25.71 1.67 3.11
C THR A 1076 24.50 2.58 3.29
N LEU A 1077 24.08 3.27 2.22
CA LEU A 1077 22.91 4.13 2.31
C LEU A 1077 21.66 3.34 2.68
N PHE A 1078 21.46 2.19 2.03
CA PHE A 1078 20.31 1.35 2.37
C PHE A 1078 20.39 0.84 3.79
N HIS A 1079 21.61 0.49 4.24
CA HIS A 1079 21.78 0.07 5.63
C HIS A 1079 21.40 1.20 6.59
N LYS A 1080 21.69 2.44 6.21
CA LYS A 1080 21.29 3.58 7.03
C LYS A 1080 19.78 3.68 7.13
N ALA A 1081 19.08 3.57 5.99
CA ALA A 1081 17.62 3.63 6.03
C ALA A 1081 17.05 2.48 6.87
N LEU A 1082 17.63 1.29 6.73
CA LEU A 1082 17.20 0.15 7.54
C LEU A 1082 17.34 0.45 9.02
N ASN A 1083 18.53 0.85 9.47
CA ASN A 1083 18.72 1.17 10.89
C ASN A 1083 17.75 2.25 11.36
N LEU A 1084 17.45 3.23 10.49
CA LEU A 1084 16.56 4.30 10.88
C LEU A 1084 15.14 3.78 11.12
N HIS A 1085 14.72 2.78 10.35
CA HIS A 1085 13.42 2.15 10.64
C HIS A 1085 13.52 1.22 11.85
N THR A 1086 14.66 0.57 12.02
CA THR A 1086 14.84 -0.40 13.09
C THR A 1086 14.73 0.26 14.46
N ALA A 1087 15.28 1.46 14.60
CA ALA A 1087 15.17 2.17 15.88
C ALA A 1087 13.71 2.32 16.29
N ASN A 1088 12.88 2.85 15.38
CA ASN A 1088 11.47 3.05 15.70
C ASN A 1088 10.78 1.74 16.02
N TRP A 1089 11.02 0.70 15.21
CA TRP A 1089 10.36 -0.57 15.46
C TRP A 1089 10.73 -1.15 16.82
N PHE A 1090 12.04 -1.28 17.08
CA PHE A 1090 12.52 -1.77 18.37
C PHE A 1090 11.89 -1.02 19.53
N LEU A 1091 11.80 0.31 19.42
CA LEU A 1091 11.26 1.09 20.54
C LEU A 1091 9.78 0.80 20.74
N TYR A 1092 9.02 0.71 19.64
CA TYR A 1092 7.60 0.38 19.76
C TYR A 1092 7.40 -0.97 20.40
N LEU A 1093 8.20 -1.96 19.99
CA LEU A 1093 8.08 -3.29 20.56
C LEU A 1093 8.33 -3.28 22.06
N SER A 1094 9.40 -2.60 22.48
CA SER A 1094 9.74 -2.56 23.90
C SER A 1094 8.64 -1.88 24.72
N THR A 1095 8.11 -0.76 24.22
CA THR A 1095 7.09 -0.07 25.01
C THR A 1095 5.79 -0.88 25.08
N LEU A 1096 5.45 -1.59 24.01
CA LEU A 1096 4.29 -2.48 24.07
C LEU A 1096 4.46 -3.53 25.16
N ARG A 1097 5.64 -4.16 25.21
CA ARG A 1097 5.84 -5.20 26.21
C ARG A 1097 5.83 -4.60 27.62
N TRP A 1098 6.36 -3.39 27.78
CA TRP A 1098 6.25 -2.70 29.07
C TRP A 1098 4.79 -2.53 29.49
N PHE A 1099 3.94 -2.14 28.54
CA PHE A 1099 2.52 -1.96 28.84
C PHE A 1099 1.89 -3.27 29.30
N GLN A 1100 2.20 -4.37 28.60
CA GLN A 1100 1.68 -5.66 29.00
C GLN A 1100 2.13 -6.04 30.40
N MET A 1101 3.41 -5.80 30.72
CA MET A 1101 3.89 -6.14 32.07
C MET A 1101 3.14 -5.38 33.14
N ARG A 1102 2.98 -4.06 32.97
CA ARG A 1102 2.27 -3.30 33.98
C ARG A 1102 0.83 -3.77 34.14
N ILE A 1103 0.17 -4.10 33.02
CA ILE A 1103 -1.19 -4.63 33.10
C ILE A 1103 -1.22 -5.88 33.97
N GLU A 1104 -0.35 -6.84 33.67
CA GLU A 1104 -0.42 -8.10 34.41
C GLU A 1104 -0.04 -7.91 35.87
N MET A 1105 0.87 -6.98 36.16
CA MET A 1105 1.25 -6.72 37.55
C MET A 1105 0.09 -6.14 38.35
N ILE A 1106 -0.65 -5.20 37.74
CA ILE A 1106 -1.81 -4.67 38.43
C ILE A 1106 -2.84 -5.77 38.66
N PHE A 1107 -3.05 -6.64 37.67
CA PHE A 1107 -3.91 -7.78 37.91
C PHE A 1107 -3.43 -8.62 39.10
N VAL A 1108 -2.11 -8.82 39.19
CA VAL A 1108 -1.58 -9.65 40.27
C VAL A 1108 -1.89 -9.04 41.63
N ILE A 1109 -1.78 -7.72 41.76
CA ILE A 1109 -2.11 -7.14 43.07
C ILE A 1109 -3.61 -7.26 43.33
N PHE A 1110 -4.45 -7.11 42.29
CA PHE A 1110 -5.88 -7.30 42.48
C PHE A 1110 -6.19 -8.71 42.96
N PHE A 1111 -5.48 -9.70 42.42
CA PHE A 1111 -5.68 -11.08 42.84
C PHE A 1111 -5.21 -11.29 44.27
N ILE A 1112 -4.09 -10.68 44.66
CA ILE A 1112 -3.66 -10.75 46.05
C ILE A 1112 -4.79 -10.30 46.95
N ALA A 1113 -5.38 -9.14 46.62
CA ALA A 1113 -6.50 -8.62 47.40
C ALA A 1113 -7.64 -9.62 47.47
N VAL A 1114 -8.08 -10.11 46.32
CA VAL A 1114 -9.28 -10.97 46.28
C VAL A 1114 -9.04 -12.24 47.08
N THR A 1115 -7.92 -12.90 46.83
CA THR A 1115 -7.64 -14.17 47.51
C THR A 1115 -7.55 -13.99 49.02
N PHE A 1116 -6.78 -13.00 49.48
CA PHE A 1116 -6.60 -12.87 50.93
C PHE A 1116 -7.88 -12.43 51.61
N ILE A 1117 -8.63 -11.50 50.99
CA ILE A 1117 -9.91 -11.09 51.57
C ILE A 1117 -10.86 -12.28 51.67
N SER A 1118 -10.96 -13.08 50.59
CA SER A 1118 -11.87 -14.21 50.60
C SER A 1118 -11.49 -15.22 51.68
N ILE A 1119 -10.23 -15.65 51.70
CA ILE A 1119 -9.82 -16.67 52.67
C ILE A 1119 -9.99 -16.16 54.09
N LEU A 1120 -9.66 -14.90 54.35
CA LEU A 1120 -9.72 -14.40 55.72
C LEU A 1120 -11.13 -14.05 56.17
N THR A 1121 -12.15 -14.48 55.43
CA THR A 1121 -13.53 -14.21 55.84
C THR A 1121 -14.46 -15.30 55.31
N GLY A 1125 -17.79 -20.83 54.18
CA GLY A 1125 -18.59 -21.58 53.22
C GLY A 1125 -17.77 -22.49 52.33
N GLU A 1126 -18.45 -23.20 51.43
CA GLU A 1126 -17.81 -24.13 50.52
C GLU A 1126 -17.93 -23.71 49.06
N GLY A 1127 -19.14 -23.41 48.59
CA GLY A 1127 -19.29 -22.91 47.23
C GLY A 1127 -18.84 -21.47 47.05
N ARG A 1128 -18.97 -20.66 48.09
CA ARG A 1128 -18.49 -19.27 48.03
C ARG A 1128 -17.02 -19.23 47.62
N VAL A 1129 -16.16 -19.88 48.40
CA VAL A 1129 -14.73 -19.82 48.14
C VAL A 1129 -14.41 -20.46 46.80
N GLY A 1130 -15.06 -21.60 46.51
CA GLY A 1130 -14.79 -22.28 45.26
C GLY A 1130 -15.08 -21.42 44.05
N ILE A 1131 -16.25 -20.80 44.01
CA ILE A 1131 -16.60 -19.96 42.87
C ILE A 1131 -15.72 -18.72 42.81
N ILE A 1132 -15.52 -18.05 43.95
CA ILE A 1132 -14.72 -16.83 43.98
C ILE A 1132 -13.34 -17.10 43.38
N LEU A 1133 -12.70 -18.17 43.85
CA LEU A 1133 -11.35 -18.47 43.40
C LEU A 1133 -11.33 -18.96 41.97
N THR A 1134 -12.30 -19.80 41.60
CA THR A 1134 -12.31 -20.38 40.26
C THR A 1134 -12.57 -19.32 39.19
N LEU A 1135 -13.14 -18.18 39.57
CA LEU A 1135 -13.24 -17.10 38.59
C LEU A 1135 -12.05 -16.15 38.67
N ALA A 1136 -11.64 -15.77 39.89
CA ALA A 1136 -10.56 -14.80 40.02
C ALA A 1136 -9.21 -15.39 39.61
N MET A 1137 -9.13 -16.71 39.42
CA MET A 1137 -7.87 -17.28 38.97
C MET A 1137 -7.72 -17.22 37.46
N ASN A 1138 -8.76 -17.62 36.73
CA ASN A 1138 -8.66 -17.75 35.29
C ASN A 1138 -9.39 -16.65 34.54
N ILE A 1139 -9.72 -15.52 35.19
CA ILE A 1139 -10.23 -14.40 34.43
C ILE A 1139 -9.11 -13.61 33.75
N MET A 1140 -7.85 -13.86 34.10
CA MET A 1140 -6.76 -13.01 33.61
C MET A 1140 -6.54 -13.15 32.11
N SER A 1141 -6.71 -14.35 31.57
CA SER A 1141 -6.51 -14.53 30.13
C SER A 1141 -7.50 -13.70 29.34
N THR A 1142 -8.79 -13.85 29.64
CA THR A 1142 -9.80 -13.04 28.97
C THR A 1142 -9.63 -11.56 29.24
N LEU A 1143 -9.10 -11.20 30.42
CA LEU A 1143 -8.81 -9.78 30.68
C LEU A 1143 -7.74 -9.24 29.74
N GLN A 1144 -6.66 -10.00 29.57
CA GLN A 1144 -5.59 -9.58 28.67
C GLN A 1144 -6.08 -9.51 27.23
N TRP A 1145 -6.92 -10.47 26.84
CA TRP A 1145 -7.54 -10.39 25.52
C TRP A 1145 -8.40 -9.15 25.38
N ALA A 1146 -9.14 -8.80 26.43
CA ALA A 1146 -9.98 -7.60 26.37
C ALA A 1146 -9.13 -6.36 26.17
N VAL A 1147 -7.99 -6.29 26.85
CA VAL A 1147 -7.13 -5.12 26.72
C VAL A 1147 -6.54 -5.03 25.31
N ASN A 1148 -6.02 -6.16 24.81
CA ASN A 1148 -5.48 -6.16 23.45
C ASN A 1148 -6.55 -5.85 22.41
N SER A 1149 -7.77 -6.36 22.61
CA SER A 1149 -8.86 -6.08 21.70
C SER A 1149 -9.25 -4.61 21.75
N SER A 1150 -9.23 -3.98 22.93
CA SER A 1150 -9.44 -2.54 23.00
C SER A 1150 -8.40 -1.80 22.17
N ILE A 1151 -7.13 -2.21 22.30
CA ILE A 1151 -6.08 -1.59 21.50
C ILE A 1151 -6.39 -1.73 20.01
N ASP A 1152 -6.75 -2.93 19.59
CA ASP A 1152 -6.98 -3.17 18.16
C ASP A 1152 -8.18 -2.39 17.65
N VAL A 1153 -9.27 -2.31 18.42
CA VAL A 1153 -10.44 -1.58 17.96
C VAL A 1153 -10.14 -0.09 17.88
N ASP A 1154 -9.37 0.44 18.83
CA ASP A 1154 -9.04 1.86 18.76
C ASP A 1154 -8.11 2.15 17.59
N SER A 1155 -7.28 1.16 17.23
CA SER A 1155 -6.49 1.31 16.01
C SER A 1155 -7.38 1.33 14.77
N LEU A 1156 -8.28 0.36 14.65
CA LEU A 1156 -9.10 0.23 13.45
C LEU A 1156 -10.12 1.35 13.28
N MET A 1157 -10.47 2.07 14.34
CA MET A 1157 -11.44 3.15 14.18
C MET A 1157 -10.91 4.30 13.32
N ARG A 1158 -9.60 4.34 13.05
CA ARG A 1158 -9.03 5.42 12.24
C ARG A 1158 -9.62 5.42 10.84
N SER A 1159 -9.86 4.24 10.27
CA SER A 1159 -10.48 4.17 8.95
C SER A 1159 -11.86 4.83 8.97
N VAL A 1160 -12.65 4.56 10.00
CA VAL A 1160 -13.95 5.22 10.15
C VAL A 1160 -13.78 6.73 10.22
N SER A 1161 -12.78 7.19 10.96
CA SER A 1161 -12.55 8.62 11.10
C SER A 1161 -12.24 9.26 9.74
N ARG A 1162 -11.35 8.65 8.97
CA ARG A 1162 -11.01 9.22 7.66
C ARG A 1162 -12.18 9.12 6.69
N VAL A 1163 -13.00 8.08 6.81
CA VAL A 1163 -14.22 8.00 6.03
C VAL A 1163 -15.11 9.21 6.31
N PHE A 1164 -15.32 9.51 7.59
CA PHE A 1164 -16.14 10.66 7.96
C PHE A 1164 -15.52 11.97 7.50
N LYS A 1165 -14.19 12.04 7.38
CA LYS A 1165 -13.60 13.20 6.73
C LYS A 1165 -14.22 13.42 5.35
N PHE A 1166 -14.32 12.37 4.55
CA PHE A 1166 -14.91 12.50 3.22
C PHE A 1166 -16.40 12.78 3.29
N ILE A 1167 -17.08 12.19 4.28
CA ILE A 1167 -18.53 12.39 4.39
C ILE A 1167 -18.86 13.88 4.50
N ASP A 1168 -17.95 14.66 5.10
CA ASP A 1168 -18.18 16.09 5.29
C ASP A 1168 -17.51 16.94 4.20
N MET A 1169 -18.10 16.90 3.01
CA MET A 1169 -17.78 17.84 1.94
C MET A 1169 -19.07 18.39 1.34
N PRO A 1170 -19.06 19.63 0.84
CA PRO A 1170 -20.30 20.24 0.37
C PRO A 1170 -20.63 19.80 -1.05
N THR A 1171 -21.91 19.95 -1.40
CA THR A 1171 -22.33 19.80 -2.79
C THR A 1171 -21.83 20.99 -3.59
N GLU A 1172 -21.70 20.80 -4.91
CA GLU A 1172 -21.17 21.87 -5.73
C GLU A 1172 -22.12 23.06 -5.83
N GLY A 1173 -23.42 22.82 -6.00
CA GLY A 1173 -24.37 23.91 -6.11
C GLY A 1173 -25.76 23.46 -6.53
N GLY A 1207 -33.76 27.72 -27.86
CA GLY A 1207 -32.91 28.84 -28.19
C GLY A 1207 -31.44 28.54 -28.04
N GLY A 1208 -30.61 29.20 -28.85
CA GLY A 1208 -29.18 28.95 -28.82
C GLY A 1208 -28.33 30.19 -28.63
N GLN A 1209 -28.90 31.37 -28.89
CA GLN A 1209 -28.15 32.60 -28.73
C GLN A 1209 -27.91 32.90 -27.26
N MET A 1210 -26.85 33.65 -26.97
CA MET A 1210 -26.50 33.91 -25.58
C MET A 1210 -25.56 35.10 -25.47
N THR A 1211 -25.22 35.44 -24.23
CA THR A 1211 -24.30 36.55 -23.95
C THR A 1211 -23.47 36.20 -22.72
N VAL A 1212 -22.21 36.65 -22.71
CA VAL A 1212 -21.28 36.36 -21.62
C VAL A 1212 -20.61 37.64 -21.16
N LYS A 1213 -20.51 37.81 -19.84
CA LYS A 1213 -19.91 39.00 -19.26
C LYS A 1213 -19.42 38.70 -17.85
N ASP A 1214 -18.29 39.29 -17.47
CA ASP A 1214 -17.80 39.28 -16.10
C ASP A 1214 -17.30 37.91 -15.67
N LEU A 1215 -16.76 37.14 -16.61
CA LEU A 1215 -16.36 35.76 -16.33
C LEU A 1215 -15.11 35.75 -15.45
N THR A 1216 -15.32 35.53 -14.16
CA THR A 1216 -14.24 35.33 -13.20
C THR A 1216 -14.03 33.84 -13.05
N ALA A 1217 -12.77 33.39 -13.17
CA ALA A 1217 -12.48 31.97 -13.20
C ALA A 1217 -11.03 31.70 -12.79
N LYS A 1218 -10.84 30.65 -11.99
CA LYS A 1218 -9.53 30.17 -11.61
C LYS A 1218 -9.65 28.74 -11.09
N TYR A 1219 -8.50 28.11 -10.89
CA TYR A 1219 -8.46 26.75 -10.36
C TYR A 1219 -8.77 26.77 -8.87
N THR A 1220 -7.96 27.48 -8.10
CA THR A 1220 -8.30 27.76 -6.71
C THR A 1220 -9.17 29.00 -6.64
N GLU A 1221 -9.74 29.25 -5.46
CA GLU A 1221 -10.55 30.44 -5.26
C GLU A 1221 -9.66 31.67 -5.18
N GLY A 1222 -9.53 32.39 -6.30
CA GLY A 1222 -8.72 33.59 -6.32
C GLY A 1222 -7.34 33.43 -6.91
N GLY A 1223 -7.12 32.41 -7.73
CA GLY A 1223 -5.81 32.21 -8.32
C GLY A 1223 -5.55 33.13 -9.49
N ASN A 1224 -4.85 32.64 -10.51
CA ASN A 1224 -4.61 33.44 -11.70
C ASN A 1224 -5.90 33.58 -12.50
N ALA A 1225 -6.29 34.82 -12.76
CA ALA A 1225 -7.57 35.11 -13.41
C ALA A 1225 -7.58 34.48 -14.80
N ILE A 1226 -8.41 33.47 -14.98
CA ILE A 1226 -8.55 32.85 -16.30
C ILE A 1226 -9.09 33.85 -17.30
N LEU A 1227 -9.88 34.81 -16.85
CA LEU A 1227 -10.36 35.89 -17.67
C LEU A 1227 -10.59 37.13 -16.80
N GLU A 1228 -10.59 38.29 -17.42
CA GLU A 1228 -10.83 39.56 -16.73
C GLU A 1228 -12.08 40.18 -17.34
N ASN A 1229 -13.22 39.94 -16.70
CA ASN A 1229 -14.52 40.44 -17.18
C ASN A 1229 -14.77 40.08 -18.64
N ILE A 1230 -14.44 38.85 -19.02
CA ILE A 1230 -14.57 38.44 -20.42
C ILE A 1230 -16.02 38.51 -20.85
N SER A 1231 -16.25 39.06 -22.03
CA SER A 1231 -17.59 39.21 -22.58
C SER A 1231 -17.60 38.77 -24.04
N PHE A 1232 -18.76 38.31 -24.50
CA PHE A 1232 -18.92 37.90 -25.89
C PHE A 1232 -20.39 37.69 -26.17
N SER A 1233 -20.70 37.47 -27.45
CA SER A 1233 -22.05 37.15 -27.89
C SER A 1233 -22.03 35.79 -28.56
N ILE A 1234 -23.01 34.95 -28.23
CA ILE A 1234 -23.13 33.60 -28.77
C ILE A 1234 -24.20 33.65 -29.85
N SER A 1235 -23.78 33.47 -31.10
CA SER A 1235 -24.58 33.79 -32.25
C SER A 1235 -25.39 32.58 -32.71
N PRO A 1236 -26.44 32.82 -33.51
CA PRO A 1236 -27.35 31.73 -33.89
C PRO A 1236 -26.84 30.96 -35.10
N GLY A 1237 -26.71 29.65 -34.93
CA GLY A 1237 -26.48 28.73 -36.04
C GLY A 1237 -25.20 28.91 -36.82
N GLN A 1238 -24.17 29.51 -36.22
CA GLN A 1238 -22.85 29.60 -36.84
C GLN A 1238 -21.79 29.41 -35.77
N ARG A 1239 -20.64 28.90 -36.17
CA ARG A 1239 -19.59 28.63 -35.21
C ARG A 1239 -18.97 29.92 -34.71
N VAL A 1240 -18.11 29.81 -33.71
CA VAL A 1240 -17.26 30.90 -33.26
C VAL A 1240 -15.89 30.29 -33.00
N GLY A 1241 -14.98 30.43 -33.95
CA GLY A 1241 -13.66 29.83 -33.83
C GLY A 1241 -12.90 30.44 -32.67
N LEU A 1242 -12.19 29.60 -31.93
CA LEU A 1242 -11.33 30.07 -30.84
C LEU A 1242 -9.88 29.95 -31.29
N LEU A 1243 -9.32 31.08 -31.73
CA LEU A 1243 -7.92 31.12 -32.14
C LEU A 1243 -7.31 32.43 -31.64
N GLY A 1244 -6.06 32.70 -32.00
CA GLY A 1244 -5.39 33.87 -31.47
C GLY A 1244 -4.21 33.45 -30.63
N ARG A 1245 -4.31 33.67 -29.31
CA ARG A 1245 -3.36 33.05 -28.41
C ARG A 1245 -3.87 31.68 -28.00
N THR A 1246 -4.22 30.87 -29.00
CA THR A 1246 -4.54 29.47 -28.76
C THR A 1246 -3.25 28.71 -28.45
N GLY A 1247 -3.21 28.10 -27.27
CA GLY A 1247 -1.98 27.59 -26.72
C GLY A 1247 -1.57 28.27 -25.43
N SER A 1248 -2.15 29.43 -25.12
CA SER A 1248 -2.03 30.04 -23.80
C SER A 1248 -3.02 29.44 -22.82
N GLY A 1249 -3.79 28.45 -23.24
CA GLY A 1249 -4.78 27.79 -22.41
C GLY A 1249 -6.20 28.20 -22.74
N LYS A 1250 -6.87 27.39 -23.55
CA LYS A 1250 -8.31 27.55 -23.74
C LYS A 1250 -9.10 26.63 -22.83
N SER A 1251 -8.42 25.74 -22.11
CA SER A 1251 -9.10 24.83 -21.20
C SER A 1251 -9.86 25.59 -20.13
N THR A 1252 -9.29 26.70 -19.65
CA THR A 1252 -9.95 27.46 -18.58
C THR A 1252 -11.33 27.95 -19.02
N LEU A 1253 -11.40 28.75 -20.09
CA LEU A 1253 -12.68 29.29 -20.52
C LEU A 1253 -13.59 28.17 -21.04
N LEU A 1254 -13.02 27.18 -21.72
CA LEU A 1254 -13.83 26.08 -22.24
C LEU A 1254 -14.54 25.34 -21.10
N SER A 1255 -13.79 24.90 -20.09
CA SER A 1255 -14.40 24.21 -18.96
C SER A 1255 -15.34 25.13 -18.17
N ALA A 1256 -14.91 26.35 -17.87
CA ALA A 1256 -15.75 27.25 -17.10
C ALA A 1256 -17.05 27.59 -17.82
N PHE A 1257 -17.07 27.43 -19.15
CA PHE A 1257 -18.35 27.52 -19.85
C PHE A 1257 -19.32 26.44 -19.39
N LEU A 1258 -18.79 25.34 -18.84
CA LEU A 1258 -19.62 24.29 -18.26
C LEU A 1258 -19.73 24.40 -16.75
N ARG A 1259 -19.27 25.51 -16.15
CA ARG A 1259 -19.36 25.74 -14.71
C ARG A 1259 -18.72 24.59 -13.92
N LEU A 1260 -17.56 24.14 -14.37
CA LEU A 1260 -16.83 23.06 -13.71
C LEU A 1260 -15.44 23.49 -13.25
N LEU A 1261 -15.29 24.74 -12.84
CA LEU A 1261 -14.04 25.26 -12.30
C LEU A 1261 -14.38 26.29 -11.24
N ASN A 1262 -13.35 26.82 -10.58
CA ASN A 1262 -13.60 27.82 -9.53
C ASN A 1262 -13.97 29.12 -10.24
N THR A 1263 -15.24 29.19 -10.66
CA THR A 1263 -15.67 30.22 -11.59
C THR A 1263 -17.06 30.73 -11.21
N GLU A 1264 -17.27 32.02 -11.43
CA GLU A 1264 -18.56 32.67 -11.28
C GLU A 1264 -18.54 33.92 -12.16
N GLY A 1265 -19.72 34.50 -12.36
CA GLY A 1265 -19.81 35.68 -13.20
C GLY A 1265 -21.16 35.87 -13.86
N GLU A 1266 -21.18 36.08 -15.17
CA GLU A 1266 -22.40 36.40 -15.88
C GLU A 1266 -22.50 35.63 -17.19
N ILE A 1267 -23.50 34.75 -17.26
CA ILE A 1267 -23.86 34.07 -18.51
C ILE A 1267 -25.37 34.16 -18.63
N GLN A 1268 -25.84 34.53 -19.82
CA GLN A 1268 -27.28 34.60 -20.09
C GLN A 1268 -27.59 33.87 -21.38
N ILE A 1269 -28.16 32.69 -21.28
CA ILE A 1269 -28.42 31.84 -22.44
C ILE A 1269 -29.89 31.91 -22.84
N ASP A 1270 -30.16 32.45 -24.02
CA ASP A 1270 -31.49 32.45 -24.64
C ASP A 1270 -32.59 32.89 -23.67
N GLY A 1271 -32.25 33.83 -22.79
CA GLY A 1271 -33.19 34.36 -21.83
C GLY A 1271 -33.05 33.82 -20.43
N VAL A 1272 -32.31 32.74 -20.23
CA VAL A 1272 -32.11 32.17 -18.91
C VAL A 1272 -30.68 32.47 -18.46
N SER A 1273 -30.45 32.44 -17.15
CA SER A 1273 -29.14 32.74 -16.62
C SER A 1273 -28.56 31.50 -15.91
N TRP A 1274 -27.37 31.69 -15.34
CA TRP A 1274 -26.75 30.64 -14.56
C TRP A 1274 -27.28 30.57 -13.13
N ASP A 1275 -28.34 31.32 -12.82
CA ASP A 1275 -28.88 31.36 -11.46
C ASP A 1275 -30.06 30.41 -11.27
N SER A 1276 -31.12 30.58 -12.06
CA SER A 1276 -32.39 29.92 -11.77
C SER A 1276 -32.30 28.41 -11.98
N ILE A 1277 -31.98 27.99 -13.20
CA ILE A 1277 -32.00 26.57 -13.52
C ILE A 1277 -30.96 25.82 -12.71
N THR A 1278 -31.29 24.58 -12.34
CA THR A 1278 -30.34 23.74 -11.62
C THR A 1278 -29.15 23.40 -12.51
N LEU A 1279 -27.97 23.34 -11.89
CA LEU A 1279 -26.77 23.00 -12.65
C LEU A 1279 -26.90 21.67 -13.37
N GLN A 1280 -27.52 20.67 -12.73
CA GLN A 1280 -27.68 19.37 -13.36
C GLN A 1280 -28.57 19.44 -14.60
N GLN A 1281 -29.36 20.50 -14.73
CA GLN A 1281 -30.14 20.71 -15.95
C GLN A 1281 -29.62 21.87 -16.78
N TRP A 1282 -28.59 22.56 -16.29
CA TRP A 1282 -27.93 23.59 -17.08
C TRP A 1282 -26.68 23.05 -17.75
N ARG A 1283 -25.89 22.25 -17.03
CA ARG A 1283 -24.65 21.71 -17.59
C ARG A 1283 -24.91 20.72 -18.71
N LYS A 1284 -26.18 20.41 -19.00
CA LYS A 1284 -26.49 19.48 -20.07
C LYS A 1284 -26.84 20.17 -21.37
N ALA A 1285 -27.22 21.46 -21.32
CA ALA A 1285 -27.44 22.19 -22.56
C ALA A 1285 -26.20 22.22 -23.43
N PHE A 1286 -25.07 22.64 -22.87
CA PHE A 1286 -23.79 22.51 -23.54
C PHE A 1286 -23.41 21.05 -23.64
N GLY A 1287 -22.78 20.68 -24.75
CA GLY A 1287 -22.32 19.32 -24.92
C GLY A 1287 -20.87 19.24 -25.31
N VAL A 1288 -20.05 18.69 -24.44
CA VAL A 1288 -18.61 18.60 -24.66
C VAL A 1288 -18.32 17.61 -25.78
N ILE A 1289 -17.12 17.70 -26.32
CA ILE A 1289 -16.55 16.68 -27.21
C ILE A 1289 -15.10 16.52 -26.80
N PRO A 1290 -14.83 15.81 -25.69
CA PRO A 1290 -13.51 15.90 -25.06
C PRO A 1290 -12.41 15.32 -25.94
N GLN A 1291 -11.18 15.72 -25.65
CA GLN A 1291 -10.02 15.17 -26.34
C GLN A 1291 -9.81 13.71 -25.98
N LYS A 1292 -10.09 13.33 -24.73
CA LYS A 1292 -10.02 11.95 -24.28
C LYS A 1292 -11.43 11.48 -24.01
N VAL A 1293 -11.96 10.65 -24.90
CA VAL A 1293 -13.34 10.17 -24.82
C VAL A 1293 -13.44 9.12 -23.73
N PHE A 1294 -14.55 9.13 -23.00
CA PHE A 1294 -14.76 8.17 -21.92
C PHE A 1294 -15.77 7.11 -22.36
N ILE A 1295 -15.39 5.84 -22.20
CA ILE A 1295 -16.26 4.71 -22.50
C ILE A 1295 -16.21 3.78 -21.29
N PHE A 1296 -17.34 3.61 -20.61
CA PHE A 1296 -17.38 2.78 -19.42
C PHE A 1296 -17.11 1.32 -19.77
N SER A 1297 -16.58 0.58 -18.81
CA SER A 1297 -16.28 -0.84 -19.03
C SER A 1297 -17.55 -1.67 -18.96
N GLY A 1298 -18.26 -1.76 -20.07
CA GLY A 1298 -19.53 -2.47 -20.08
C GLY A 1298 -20.02 -2.64 -21.51
N THR A 1299 -21.30 -2.98 -21.62
CA THR A 1299 -21.90 -3.18 -22.92
C THR A 1299 -22.17 -1.84 -23.59
N PHE A 1300 -22.27 -1.87 -24.93
CA PHE A 1300 -22.48 -0.64 -25.69
C PHE A 1300 -23.74 0.09 -25.27
N ARG A 1301 -24.84 -0.64 -25.11
CA ARG A 1301 -26.11 0.00 -24.74
C ARG A 1301 -25.99 0.72 -23.40
N LYS A 1302 -25.04 0.29 -22.56
CA LYS A 1302 -24.80 0.96 -21.29
C LYS A 1302 -23.63 1.94 -21.33
N ASN A 1303 -22.68 1.74 -22.26
CA ASN A 1303 -21.55 2.66 -22.35
C ASN A 1303 -21.88 3.89 -23.18
N LEU A 1304 -23.01 3.86 -23.89
CA LEU A 1304 -23.40 5.00 -24.72
C LEU A 1304 -24.67 5.68 -24.24
N ASP A 1305 -25.58 4.93 -23.63
CA ASP A 1305 -26.81 5.48 -23.06
C ASP A 1305 -26.95 4.97 -21.63
N PRO A 1306 -26.03 5.36 -20.76
CA PRO A 1306 -26.01 4.77 -19.41
C PRO A 1306 -27.31 4.91 -18.65
N TYR A 1307 -28.01 6.05 -18.79
CA TYR A 1307 -29.28 6.22 -18.11
C TYR A 1307 -30.32 5.20 -18.56
N GLU A 1308 -30.16 4.63 -19.76
CA GLU A 1308 -31.05 3.60 -20.29
C GLU A 1308 -32.49 4.10 -20.38
N GLN A 1309 -32.68 5.20 -21.11
CA GLN A 1309 -34.00 5.76 -21.34
C GLN A 1309 -34.32 5.85 -22.83
N TRP A 1310 -33.61 5.11 -23.68
CA TRP A 1310 -33.79 5.17 -25.12
C TRP A 1310 -34.42 3.89 -25.65
N SER A 1311 -34.86 3.94 -26.90
CA SER A 1311 -35.35 2.75 -27.59
C SER A 1311 -34.24 2.16 -28.45
N ASP A 1312 -34.13 0.83 -28.42
CA ASP A 1312 -33.05 0.16 -29.14
C ASP A 1312 -33.06 0.49 -30.63
N GLN A 1313 -34.25 0.71 -31.22
CA GLN A 1313 -34.30 1.13 -32.60
C GLN A 1313 -33.85 2.57 -32.75
N GLU A 1314 -34.19 3.44 -31.80
CA GLU A 1314 -33.65 4.79 -31.80
C GLU A 1314 -32.13 4.79 -31.68
N ILE A 1315 -31.60 3.93 -30.81
CA ILE A 1315 -30.15 3.83 -30.67
C ILE A 1315 -29.52 3.33 -31.95
N TRP A 1316 -30.12 2.33 -32.60
CA TRP A 1316 -29.61 1.83 -33.87
C TRP A 1316 -29.60 2.93 -34.93
N LYS A 1317 -30.67 3.73 -34.99
CA LYS A 1317 -30.71 4.84 -35.94
C LYS A 1317 -29.63 5.86 -35.65
N VAL A 1318 -29.50 6.28 -34.39
CA VAL A 1318 -28.52 7.29 -34.03
C VAL A 1318 -27.10 6.77 -34.25
N ALA A 1319 -26.93 5.45 -34.24
CA ALA A 1319 -25.62 4.88 -34.53
C ALA A 1319 -25.34 4.88 -36.03
N ASP A 1320 -26.26 4.31 -36.82
CA ASP A 1320 -26.04 4.21 -38.25
C ASP A 1320 -25.90 5.59 -38.89
N GLU A 1321 -26.82 6.52 -38.59
CA GLU A 1321 -26.79 7.81 -39.25
C GLU A 1321 -25.58 8.64 -38.82
N VAL A 1322 -24.93 8.29 -37.71
CA VAL A 1322 -23.79 9.07 -37.24
C VAL A 1322 -22.46 8.49 -37.65
N GLY A 1323 -22.43 7.63 -38.67
CA GLY A 1323 -21.17 7.08 -39.15
C GLY A 1323 -20.50 6.10 -38.22
N LEU A 1324 -21.25 5.18 -37.62
CA LEU A 1324 -20.66 4.14 -36.79
C LEU A 1324 -21.15 2.75 -37.15
N ARG A 1325 -22.18 2.64 -37.99
CA ARG A 1325 -22.76 1.33 -38.30
C ARG A 1325 -21.71 0.37 -38.86
N SER A 1326 -20.89 0.86 -39.78
CA SER A 1326 -19.80 0.04 -40.30
C SER A 1326 -18.82 -0.33 -39.20
N VAL A 1327 -18.34 0.66 -38.44
CA VAL A 1327 -17.35 0.39 -37.40
C VAL A 1327 -17.96 -0.39 -36.24
N ILE A 1328 -19.28 -0.61 -36.25
CA ILE A 1328 -19.90 -1.40 -35.19
C ILE A 1328 -20.34 -2.76 -35.70
N GLU A 1329 -20.36 -2.96 -37.02
CA GLU A 1329 -20.72 -4.25 -37.58
C GLU A 1329 -19.65 -5.31 -37.34
N GLN A 1330 -18.43 -4.90 -37.00
CA GLN A 1330 -17.30 -5.80 -36.84
C GLN A 1330 -17.08 -6.21 -35.38
N PHE A 1331 -18.14 -6.29 -34.59
CA PHE A 1331 -18.03 -6.59 -33.17
C PHE A 1331 -18.70 -7.90 -32.82
N PRO A 1332 -18.35 -8.50 -31.69
CA PRO A 1332 -18.95 -9.80 -31.32
C PRO A 1332 -20.43 -9.66 -30.99
N GLY A 1333 -21.16 -10.75 -31.16
CA GLY A 1333 -22.61 -10.69 -31.02
C GLY A 1333 -23.18 -9.77 -32.07
N LYS A 1334 -24.01 -8.82 -31.63
CA LYS A 1334 -24.48 -7.75 -32.51
C LYS A 1334 -24.05 -6.39 -31.99
N LEU A 1335 -24.29 -6.08 -30.72
CA LEU A 1335 -23.85 -4.83 -30.15
C LEU A 1335 -23.47 -4.93 -28.67
N ASP A 1336 -23.76 -6.04 -28.00
CA ASP A 1336 -23.59 -6.13 -26.56
C ASP A 1336 -22.13 -6.31 -26.14
N PHE A 1337 -21.17 -6.07 -27.04
CA PHE A 1337 -19.75 -6.20 -26.74
C PHE A 1337 -19.39 -5.48 -25.45
N VAL A 1338 -18.85 -6.22 -24.48
CA VAL A 1338 -18.40 -5.65 -23.21
C VAL A 1338 -17.09 -4.90 -23.43
N LEU A 1339 -17.14 -3.58 -23.34
CA LEU A 1339 -15.97 -2.75 -23.64
C LEU A 1339 -14.95 -2.83 -22.52
N VAL A 1340 -14.41 -4.04 -22.29
CA VAL A 1340 -13.51 -4.26 -21.16
C VAL A 1340 -12.18 -3.55 -21.40
N ASP A 1341 -11.48 -3.27 -20.30
CA ASP A 1341 -10.16 -2.65 -20.32
C ASP A 1341 -10.18 -1.27 -20.97
N GLY A 1342 -11.17 -0.46 -20.59
CA GLY A 1342 -11.20 0.92 -21.01
C GLY A 1342 -11.48 1.16 -22.48
N GLY A 1343 -12.19 0.24 -23.14
CA GLY A 1343 -12.43 0.40 -24.56
C GLY A 1343 -11.17 0.36 -25.40
N CYS A 1344 -10.30 -0.62 -25.15
CA CYS A 1344 -9.04 -0.71 -25.87
C CYS A 1344 -9.23 -0.96 -27.36
N VAL A 1345 -10.30 -1.67 -27.73
CA VAL A 1345 -10.47 -2.10 -29.12
C VAL A 1345 -10.58 -0.90 -30.06
N LEU A 1346 -11.41 0.09 -29.72
CA LEU A 1346 -11.68 1.21 -30.61
C LEU A 1346 -10.44 2.07 -30.79
N SER A 1347 -10.41 2.82 -31.89
CA SER A 1347 -9.38 3.79 -32.16
C SER A 1347 -9.92 5.21 -31.96
N HIS A 1348 -9.00 6.18 -31.92
CA HIS A 1348 -9.37 7.56 -31.60
C HIS A 1348 -10.55 8.04 -32.43
N GLY A 1349 -10.57 7.71 -33.72
CA GLY A 1349 -11.68 8.13 -34.57
C GLY A 1349 -12.99 7.49 -34.18
N HIS A 1350 -12.99 6.17 -33.97
CA HIS A 1350 -14.21 5.47 -33.60
C HIS A 1350 -14.73 5.94 -32.25
N LYS A 1351 -13.84 6.08 -31.26
CA LYS A 1351 -14.25 6.55 -29.95
C LYS A 1351 -14.77 7.98 -30.02
N GLN A 1352 -14.14 8.82 -30.84
CA GLN A 1352 -14.61 10.19 -31.03
C GLN A 1352 -16.00 10.21 -31.64
N LEU A 1353 -16.25 9.39 -32.65
CA LEU A 1353 -17.57 9.30 -33.23
C LEU A 1353 -18.59 8.80 -32.22
N MET A 1354 -18.21 7.85 -31.38
CA MET A 1354 -19.12 7.38 -30.32
C MET A 1354 -19.48 8.51 -29.37
N CYS A 1355 -18.48 9.27 -28.92
CA CYS A 1355 -18.75 10.42 -28.06
C CYS A 1355 -19.64 11.43 -28.76
N LEU A 1356 -19.41 11.66 -30.06
CA LEU A 1356 -20.26 12.56 -30.81
C LEU A 1356 -21.70 12.09 -30.83
N ALA A 1357 -21.92 10.79 -31.01
CA ALA A 1357 -23.28 10.26 -30.95
C ALA A 1357 -23.88 10.42 -29.56
N ARG A 1358 -23.09 10.16 -28.52
CA ARG A 1358 -23.58 10.35 -27.15
C ARG A 1358 -23.97 11.80 -26.90
N SER A 1359 -23.27 12.74 -27.55
CA SER A 1359 -23.65 14.15 -27.44
C SER A 1359 -24.92 14.43 -28.24
N VAL A 1360 -25.05 13.83 -29.41
CA VAL A 1360 -26.23 14.04 -30.25
C VAL A 1360 -27.47 13.42 -29.60
N LEU A 1361 -27.27 12.50 -28.66
CA LEU A 1361 -28.40 11.78 -28.07
C LEU A 1361 -29.38 12.73 -27.39
N SER A 1362 -28.92 13.46 -26.38
CA SER A 1362 -29.82 14.25 -25.54
C SER A 1362 -30.22 15.57 -26.17
N LYS A 1363 -29.99 15.76 -27.47
CA LYS A 1363 -30.34 17.00 -28.17
C LYS A 1363 -29.60 18.20 -27.57
N ALA A 1364 -28.27 18.12 -27.62
CA ALA A 1364 -27.43 19.19 -27.07
C ALA A 1364 -27.43 20.39 -28.02
N LYS A 1365 -27.57 21.59 -27.45
CA LYS A 1365 -27.68 22.79 -28.28
C LYS A 1365 -26.39 23.58 -28.33
N ILE A 1366 -25.30 23.01 -27.84
CA ILE A 1366 -23.95 23.57 -27.99
C ILE A 1366 -22.95 22.44 -28.01
N LEU A 1367 -22.00 22.51 -28.94
CA LEU A 1367 -21.01 21.45 -29.13
C LEU A 1367 -19.61 22.08 -29.14
N LEU A 1368 -19.00 22.19 -27.98
CA LEU A 1368 -17.68 22.78 -27.83
C LEU A 1368 -16.64 21.69 -28.09
N LEU A 1369 -16.36 21.43 -29.36
CA LEU A 1369 -15.38 20.43 -29.76
C LEU A 1369 -13.97 21.00 -29.74
N ASP A 1370 -13.05 20.26 -29.15
CA ASP A 1370 -11.67 20.70 -28.98
C ASP A 1370 -10.74 19.69 -29.63
N GLU A 1371 -9.64 20.17 -30.21
CA GLU A 1371 -8.60 19.37 -30.84
C GLU A 1371 -9.17 18.51 -31.96
N PRO A 1372 -9.62 19.11 -33.06
CA PRO A 1372 -10.18 18.31 -34.16
C PRO A 1372 -9.16 17.41 -34.85
N SER A 1373 -8.03 17.98 -35.27
CA SER A 1373 -7.07 17.25 -36.09
C SER A 1373 -6.02 16.51 -35.29
N ALA A 1374 -5.78 16.91 -34.03
CA ALA A 1374 -4.75 16.24 -33.24
C ALA A 1374 -5.15 14.80 -32.94
N HIS A 1375 -6.40 14.58 -32.55
CA HIS A 1375 -6.88 13.26 -32.20
C HIS A 1375 -7.29 12.43 -33.41
N LEU A 1376 -8.07 12.98 -34.32
CA LEU A 1376 -8.59 12.22 -35.45
C LEU A 1376 -7.46 11.80 -36.39
N ASP A 1377 -7.57 10.58 -36.92
CA ASP A 1377 -6.72 10.15 -38.00
C ASP A 1377 -7.16 10.83 -39.30
N PRO A 1378 -6.33 10.78 -40.35
CA PRO A 1378 -6.71 11.49 -41.60
C PRO A 1378 -8.06 11.06 -42.15
N VAL A 1379 -8.26 9.77 -42.40
CA VAL A 1379 -9.59 9.29 -42.75
C VAL A 1379 -10.59 9.61 -41.64
N THR A 1380 -10.16 9.49 -40.39
CA THR A 1380 -11.03 9.84 -39.28
C THR A 1380 -11.29 11.35 -39.21
N TYR A 1381 -10.31 12.17 -39.58
CA TYR A 1381 -10.55 13.60 -39.69
C TYR A 1381 -11.59 13.92 -40.75
N GLN A 1382 -11.50 13.27 -41.91
CA GLN A 1382 -12.52 13.47 -42.95
C GLN A 1382 -13.89 13.01 -42.45
N ILE A 1383 -13.93 11.88 -41.76
CA ILE A 1383 -15.18 11.38 -41.21
C ILE A 1383 -15.79 12.39 -40.24
N ILE A 1384 -14.99 12.88 -39.30
CA ILE A 1384 -15.49 13.82 -38.29
C ILE A 1384 -15.93 15.13 -38.92
N ARG A 1385 -15.15 15.65 -39.86
CA ARG A 1385 -15.55 16.88 -40.55
C ARG A 1385 -16.88 16.69 -41.28
N ARG A 1386 -16.97 15.67 -42.14
CA ARG A 1386 -18.19 15.46 -42.91
C ARG A 1386 -19.37 15.11 -42.02
N THR A 1387 -19.12 14.60 -40.81
CA THR A 1387 -20.22 14.33 -39.89
C THR A 1387 -20.71 15.60 -39.21
N LEU A 1388 -19.78 16.38 -38.67
CA LEU A 1388 -20.16 17.54 -37.87
C LEU A 1388 -20.68 18.68 -38.73
N LYS A 1389 -20.04 18.93 -39.88
CA LYS A 1389 -20.53 19.99 -40.75
C LYS A 1389 -21.90 19.66 -41.32
N GLN A 1390 -22.17 18.39 -41.62
CA GLN A 1390 -23.37 18.01 -42.34
C GLN A 1390 -24.54 17.68 -41.40
N ALA A 1391 -24.36 16.71 -40.50
CA ALA A 1391 -25.47 16.28 -39.67
C ALA A 1391 -25.49 16.95 -38.30
N PHE A 1392 -24.39 17.59 -37.90
CA PHE A 1392 -24.37 18.46 -36.74
C PHE A 1392 -24.34 19.91 -37.24
N ALA A 1393 -25.06 20.17 -38.33
CA ALA A 1393 -24.91 21.42 -39.07
C ALA A 1393 -25.25 22.64 -38.23
N ASP A 1394 -26.31 22.58 -37.42
CA ASP A 1394 -26.88 23.77 -36.81
C ASP A 1394 -26.74 23.72 -35.29
N CYS A 1395 -25.56 23.31 -34.82
CA CYS A 1395 -25.16 23.47 -33.43
C CYS A 1395 -24.06 24.52 -33.37
N THR A 1396 -24.21 25.50 -32.48
CA THR A 1396 -23.28 26.61 -32.45
C THR A 1396 -21.94 26.17 -31.86
N VAL A 1397 -21.17 25.42 -32.65
CA VAL A 1397 -19.93 24.81 -32.21
C VAL A 1397 -18.87 25.89 -32.00
N ILE A 1398 -17.86 25.54 -31.22
CA ILE A 1398 -16.66 26.37 -31.09
C ILE A 1398 -15.43 25.48 -31.17
N LEU A 1399 -14.84 25.40 -32.36
CA LEU A 1399 -13.68 24.54 -32.58
C LEU A 1399 -12.42 25.26 -32.11
N CYS A 1400 -11.82 24.73 -31.05
CA CYS A 1400 -10.69 25.38 -30.38
C CYS A 1400 -9.43 24.56 -30.61
N GLU A 1401 -8.70 24.89 -31.67
CA GLU A 1401 -7.44 24.21 -31.98
C GLU A 1401 -6.33 25.25 -32.02
N HIS A 1402 -5.13 24.83 -31.60
CA HIS A 1402 -4.04 25.79 -31.44
C HIS A 1402 -3.63 26.42 -32.76
N ARG A 1403 -3.28 25.60 -33.76
CA ARG A 1403 -2.89 26.12 -35.06
C ARG A 1403 -4.08 26.83 -35.70
N ILE A 1404 -3.86 28.07 -36.16
CA ILE A 1404 -4.93 28.87 -36.75
C ILE A 1404 -5.50 28.21 -38.00
N GLU A 1405 -4.75 27.31 -38.63
CA GLU A 1405 -5.22 26.69 -39.87
C GLU A 1405 -6.42 25.77 -39.63
N ALA A 1406 -6.66 25.37 -38.39
CA ALA A 1406 -7.75 24.45 -38.09
C ALA A 1406 -9.08 25.16 -37.86
N MET A 1407 -9.05 26.35 -37.27
CA MET A 1407 -10.27 27.08 -36.92
C MET A 1407 -10.45 28.37 -37.71
N LEU A 1408 -9.60 28.62 -38.71
CA LEU A 1408 -9.83 29.76 -39.59
C LEU A 1408 -11.04 29.57 -40.48
N GLU A 1409 -11.52 28.34 -40.61
CA GLU A 1409 -12.64 28.04 -41.48
C GLU A 1409 -13.96 28.59 -40.95
N CYS A 1410 -14.18 28.53 -39.64
CA CYS A 1410 -15.46 28.92 -39.07
C CYS A 1410 -15.75 30.39 -39.34
N GLN A 1411 -17.03 30.77 -39.28
CA GLN A 1411 -17.45 32.11 -39.68
C GLN A 1411 -16.86 33.19 -38.79
N GLN A 1412 -17.23 33.21 -37.51
CA GLN A 1412 -16.70 34.23 -36.62
C GLN A 1412 -15.31 33.83 -36.11
N PHE A 1413 -14.78 34.66 -35.22
CA PHE A 1413 -13.55 34.33 -34.51
C PHE A 1413 -13.53 35.11 -33.21
N LEU A 1414 -13.87 34.44 -32.11
CA LEU A 1414 -13.73 35.01 -30.77
C LEU A 1414 -12.28 34.80 -30.37
N VAL A 1415 -11.42 35.75 -30.72
CA VAL A 1415 -9.98 35.54 -30.66
C VAL A 1415 -9.55 35.28 -29.22
N ILE A 1416 -8.40 34.65 -29.06
CA ILE A 1416 -7.87 34.31 -27.76
C ILE A 1416 -6.69 35.20 -27.46
N GLU A 1417 -6.63 35.67 -26.22
CA GLU A 1417 -5.53 36.48 -25.73
C GLU A 1417 -5.52 36.45 -24.20
N GLU A 1418 -4.34 36.27 -23.61
CA GLU A 1418 -4.23 36.05 -22.17
C GLU A 1418 -4.82 37.21 -21.39
N ASN A 1419 -5.77 36.88 -20.50
CA ASN A 1419 -6.40 37.79 -19.55
C ASN A 1419 -7.25 38.87 -20.20
N LYS A 1420 -7.41 38.83 -21.53
CA LYS A 1420 -8.32 39.76 -22.22
C LYS A 1420 -8.66 39.14 -23.56
N VAL A 1421 -9.91 38.72 -23.73
CA VAL A 1421 -10.33 38.00 -24.92
C VAL A 1421 -10.75 39.03 -25.96
N ARG A 1422 -9.78 39.50 -26.75
CA ARG A 1422 -10.10 40.39 -27.86
C ARG A 1422 -10.81 39.62 -28.96
N GLN A 1423 -11.35 40.35 -29.93
CA GLN A 1423 -12.17 39.75 -30.96
C GLN A 1423 -12.04 40.50 -32.28
N TYR A 1424 -12.03 39.74 -33.37
CA TYR A 1424 -12.10 40.29 -34.72
C TYR A 1424 -13.15 39.48 -35.47
N ASP A 1425 -14.30 40.09 -35.74
CA ASP A 1425 -15.46 39.34 -36.20
C ASP A 1425 -15.21 38.58 -37.50
N SER A 1426 -14.21 39.00 -38.27
CA SER A 1426 -13.97 38.41 -39.58
C SER A 1426 -12.49 38.54 -39.92
N ILE A 1427 -12.04 37.66 -40.82
CA ILE A 1427 -10.64 37.63 -41.22
C ILE A 1427 -10.18 38.94 -41.83
N GLN A 1428 -11.11 39.87 -42.10
CA GLN A 1428 -10.73 41.18 -42.59
C GLN A 1428 -9.87 41.94 -41.60
N LYS A 1429 -9.83 41.51 -40.34
CA LYS A 1429 -8.91 42.02 -39.34
C LYS A 1429 -8.27 40.94 -38.49
N LEU A 1430 -8.78 39.71 -38.55
CA LEU A 1430 -8.31 38.66 -37.64
C LEU A 1430 -6.83 38.37 -37.85
N LEU A 1431 -6.45 37.94 -39.05
CA LEU A 1431 -5.04 37.67 -39.31
C LEU A 1431 -4.23 38.94 -39.53
N ASN A 1432 -4.86 40.11 -39.42
CA ASN A 1432 -4.15 41.38 -39.56
C ASN A 1432 -3.99 42.12 -38.24
N GLU A 1433 -4.91 41.95 -37.30
CA GLU A 1433 -4.86 42.67 -36.03
C GLU A 1433 -4.62 41.74 -34.85
N ARG A 1434 -5.41 40.70 -34.69
CA ARG A 1434 -5.23 39.79 -33.55
C ARG A 1434 -4.01 38.92 -33.73
N SER A 1435 -3.99 38.09 -34.77
CA SER A 1435 -2.83 37.27 -35.10
C SER A 1435 -1.65 38.11 -35.59
N LEU A 1436 -1.89 39.36 -35.96
CA LEU A 1436 -0.82 40.24 -36.43
C LEU A 1436 -1.04 41.67 -35.95
N UNK B 1 3.22 -2.95 -9.66
CA UNK B 1 3.43 -2.27 -10.93
C UNK B 1 2.95 -0.82 -10.87
N UNK B 2 3.12 -0.20 -9.71
CA UNK B 2 2.72 1.19 -9.51
C UNK B 2 3.87 1.97 -8.86
N UNK B 3 4.41 2.94 -9.60
CA UNK B 3 5.58 3.68 -9.14
C UNK B 3 5.23 4.76 -8.11
N UNK B 4 3.95 4.91 -7.82
CA UNK B 4 3.52 5.86 -6.79
C UNK B 4 3.65 5.20 -5.41
N UNK B 5 4.08 5.97 -4.43
CA UNK B 5 4.25 5.47 -3.08
C UNK B 5 2.93 4.92 -2.55
N UNK B 6 2.77 3.60 -2.64
CA UNK B 6 1.50 2.94 -2.32
C UNK B 6 1.19 2.93 -0.83
N UNK B 7 2.02 3.61 -0.04
CA UNK B 7 1.76 3.77 1.38
C UNK B 7 1.53 5.24 1.70
N UNK B 8 1.74 6.09 0.71
CA UNK B 8 1.58 7.54 0.86
C UNK B 8 0.11 7.94 0.73
N UNK B 9 -0.64 7.80 1.82
CA UNK B 9 -2.04 8.19 1.85
C UNK B 9 -2.44 8.57 3.27
N UNK B 10 -2.01 7.75 4.22
CA UNK B 10 -2.32 7.99 5.62
C UNK B 10 -1.55 9.20 6.15
N UNK B 11 -0.23 9.04 6.26
CA UNK B 11 0.70 10.04 6.84
C UNK B 11 0.19 11.47 6.96
N UNK B 12 -0.09 12.11 5.83
CA UNK B 12 -0.55 13.49 5.81
C UNK B 12 -1.92 13.62 6.49
N UNK B 13 -2.79 12.66 6.23
CA UNK B 13 -4.13 12.66 6.81
C UNK B 13 -4.20 11.74 8.02
N UNK B 14 -3.05 11.20 8.41
CA UNK B 14 -2.97 10.32 9.58
C UNK B 14 -2.97 11.17 10.85
N UNK B 15 -2.19 12.24 10.83
CA UNK B 15 -2.17 13.19 11.94
C UNK B 15 -3.45 14.02 11.88
N UNK B 16 -4.05 14.09 10.70
CA UNK B 16 -5.35 14.72 10.54
C UNK B 16 -6.43 13.77 11.01
N UNK B 17 -6.15 12.46 10.95
CA UNK B 17 -7.01 11.46 11.54
C UNK B 17 -6.88 11.58 13.05
N UNK B 18 -5.72 12.06 13.47
CA UNK B 18 -5.44 12.42 14.86
C UNK B 18 -5.57 11.26 15.85
N UNK B 19 -5.40 11.57 17.12
CA UNK B 19 -5.51 10.58 18.18
C UNK B 19 -6.44 11.08 19.28
#